data_3MQ1
#
_entry.id   3MQ1
#
_cell.length_a   46.780
_cell.length_b   96.570
_cell.length_c   167.890
_cell.angle_alpha   90.00
_cell.angle_beta   90.00
_cell.angle_gamma   90.00
#
_symmetry.space_group_name_H-M   'P 21 21 21'
#
loop_
_entity.id
_entity.type
_entity.pdbx_description
1 polymer 'Mite allergen Der p 5'
2 non-polymer (4S)-2-METHYL-2,4-PENTANEDIOL
3 non-polymer (4R)-2-METHYLPENTANE-2,4-DIOL
4 non-polymer 'PHOSPHATE ION'
5 water water
#
_entity_poly.entity_id   1
_entity_poly.type   'polypeptide(L)'
_entity_poly.pdbx_seq_one_letter_code
;GSNSLMERIHEQIKKGELALFYLQEQINHFEEKPTKEMKDKIVAEMDTIIAMIDGVRGVLDRLMQRKDLDIFEQYNLEMA
KKSGDILERDLKKEEARVKKIEV
;
_entity_poly.pdbx_strand_id   A,B,C,D,E,F
#
loop_
_chem_comp.id
_chem_comp.type
_chem_comp.name
_chem_comp.formula
MPD non-polymer (4S)-2-METHYL-2,4-PENTANEDIOL 'C6 H14 O2'
MRD non-polymer (4R)-2-METHYLPENTANE-2,4-DIOL 'C6 H14 O2'
PO4 non-polymer 'PHOSPHATE ION' 'O4 P -3'
#
# COMPACT_ATOMS: atom_id res chain seq x y z
CA ASN A 3 12.25 9.87 -0.62
C ASN A 3 11.20 10.19 0.45
N SER A 4 11.23 11.43 0.95
CA SER A 4 10.29 11.86 1.97
C SER A 4 8.90 12.11 1.38
N LEU A 5 8.73 11.74 0.12
CA LEU A 5 7.46 11.92 -0.57
C LEU A 5 6.72 10.60 -0.76
N MET A 6 7.34 9.69 -1.51
CA MET A 6 6.73 8.39 -1.81
C MET A 6 6.44 7.60 -0.54
N GLU A 7 7.27 7.79 0.48
CA GLU A 7 7.05 7.11 1.76
C GLU A 7 5.86 7.74 2.48
N ARG A 8 5.72 9.05 2.35
CA ARG A 8 4.57 9.75 2.93
C ARG A 8 3.29 9.33 2.23
N ILE A 9 3.33 9.26 0.91
CA ILE A 9 2.20 8.81 0.11
C ILE A 9 1.83 7.38 0.49
N HIS A 10 2.84 6.53 0.62
CA HIS A 10 2.65 5.14 1.02
C HIS A 10 1.84 5.04 2.31
N GLU A 11 2.08 5.97 3.22
CA GLU A 11 1.41 5.98 4.51
C GLU A 11 -0.06 6.39 4.36
N GLN A 12 -0.29 7.49 3.65
CA GLN A 12 -1.64 8.00 3.45
C GLN A 12 -2.52 6.99 2.71
N ILE A 13 -1.89 6.13 1.91
CA ILE A 13 -2.63 5.11 1.18
C ILE A 13 -3.17 4.04 2.12
N LYS A 14 -2.32 3.53 3.00
CA LYS A 14 -2.72 2.52 3.98
C LYS A 14 -3.84 3.03 4.88
N LYS A 15 -3.95 4.36 4.98
CA LYS A 15 -4.96 4.98 5.83
C LYS A 15 -6.36 4.54 5.43
N GLY A 16 -6.59 4.46 4.12
CA GLY A 16 -7.88 4.04 3.60
C GLY A 16 -8.26 2.64 4.05
N GLU A 17 -7.31 1.73 3.96
CA GLU A 17 -7.52 0.35 4.39
C GLU A 17 -7.79 0.29 5.89
N LEU A 18 -7.04 1.09 6.65
CA LEU A 18 -7.19 1.14 8.09
C LEU A 18 -8.62 1.45 8.48
N ALA A 19 -9.20 2.46 7.84
CA ALA A 19 -10.57 2.88 8.10
C ALA A 19 -11.55 1.72 7.90
N LEU A 20 -11.40 1.01 6.79
CA LEU A 20 -12.30 -0.10 6.47
C LEU A 20 -12.15 -1.24 7.46
N PHE A 21 -10.90 -1.65 7.70
CA PHE A 21 -10.62 -2.69 8.68
C PHE A 21 -11.21 -2.32 10.04
N TYR A 22 -11.01 -1.07 10.45
CA TYR A 22 -11.53 -0.57 11.72
C TYR A 22 -13.05 -0.59 11.73
N LEU A 23 -13.65 -0.27 10.58
CA LEU A 23 -15.10 -0.31 10.44
C LEU A 23 -15.62 -1.71 10.66
N GLN A 24 -14.98 -2.69 10.02
CA GLN A 24 -15.39 -4.09 10.18
C GLN A 24 -15.31 -4.53 11.63
N GLU A 25 -14.38 -3.93 12.38
CA GLU A 25 -14.26 -4.23 13.81
C GLU A 25 -15.40 -3.60 14.61
N GLN A 26 -15.77 -2.38 14.24
CA GLN A 26 -16.89 -1.70 14.88
C GLN A 26 -18.18 -2.49 14.73
N ILE A 27 -18.42 -2.96 13.51
CA ILE A 27 -19.62 -3.75 13.22
C ILE A 27 -19.61 -5.06 14.01
N ASN A 28 -18.45 -5.71 14.05
CA ASN A 28 -18.31 -6.94 14.82
C ASN A 28 -18.64 -6.73 16.30
N HIS A 29 -18.03 -5.71 16.90
CA HIS A 29 -18.28 -5.38 18.30
C HIS A 29 -19.75 -5.04 18.51
N PHE A 30 -20.33 -4.34 17.53
CA PHE A 30 -21.74 -3.96 17.58
C PHE A 30 -22.64 -5.19 17.59
N GLU A 31 -22.38 -6.11 16.67
CA GLU A 31 -23.15 -7.35 16.58
C GLU A 31 -23.11 -8.10 17.90
N GLU A 32 -22.01 -7.97 18.62
CA GLU A 32 -21.84 -8.63 19.91
C GLU A 32 -22.65 -7.94 21.00
N LYS A 33 -22.62 -6.61 20.99
CA LYS A 33 -23.38 -5.81 21.95
C LYS A 33 -24.05 -4.61 21.28
N PRO A 34 -25.22 -4.85 20.64
CA PRO A 34 -25.94 -3.84 19.86
C PRO A 34 -26.44 -2.68 20.70
N THR A 35 -26.15 -1.46 20.27
CA THR A 35 -26.60 -0.26 20.96
C THR A 35 -26.84 0.87 19.96
N LYS A 36 -27.90 1.65 20.19
CA LYS A 36 -28.27 2.73 19.28
C LYS A 36 -27.10 3.69 19.05
N GLU A 37 -26.31 3.91 20.09
CA GLU A 37 -25.14 4.79 19.99
C GLU A 37 -24.18 4.31 18.91
N MET A 38 -23.84 3.03 18.95
CA MET A 38 -22.89 2.46 17.99
C MET A 38 -23.47 2.38 16.58
N LYS A 39 -24.70 1.92 16.47
CA LYS A 39 -25.35 1.81 15.17
C LYS A 39 -25.34 3.15 14.44
N ASP A 40 -25.79 4.19 15.12
CA ASP A 40 -25.81 5.53 14.55
C ASP A 40 -24.41 5.96 14.13
N LYS A 41 -23.41 5.57 14.90
CA LYS A 41 -22.03 5.92 14.60
C LYS A 41 -21.55 5.21 13.34
N ILE A 42 -21.85 3.92 13.24
CA ILE A 42 -21.46 3.11 12.09
C ILE A 42 -22.14 3.61 10.81
N VAL A 43 -23.44 3.89 10.90
CA VAL A 43 -24.19 4.38 9.76
C VAL A 43 -23.64 5.72 9.27
N ALA A 44 -23.31 6.59 10.21
CA ALA A 44 -22.77 7.90 9.88
C ALA A 44 -21.45 7.78 9.14
N GLU A 45 -20.56 6.92 9.65
CA GLU A 45 -19.26 6.71 9.03
C GLU A 45 -19.41 6.15 7.62
N MET A 46 -20.25 5.13 7.48
CA MET A 46 -20.48 4.50 6.18
C MET A 46 -21.04 5.51 5.18
N ASP A 47 -22.00 6.31 5.63
CA ASP A 47 -22.58 7.35 4.78
C ASP A 47 -21.50 8.30 4.26
N THR A 48 -20.53 8.62 5.12
CA THR A 48 -19.44 9.50 4.74
C THR A 48 -18.51 8.83 3.73
N ILE A 49 -18.12 7.60 4.02
CA ILE A 49 -17.27 6.83 3.12
C ILE A 49 -17.94 6.68 1.76
N ILE A 50 -19.23 6.38 1.76
CA ILE A 50 -20.00 6.27 0.52
C ILE A 50 -20.00 7.59 -0.23
N ALA A 51 -20.19 8.69 0.50
CA ALA A 51 -20.19 10.01 -0.09
C ALA A 51 -18.88 10.29 -0.81
N MET A 52 -17.78 9.79 -0.24
CA MET A 52 -16.46 9.96 -0.84
C MET A 52 -16.35 9.19 -2.14
N ILE A 53 -16.89 7.97 -2.14
CA ILE A 53 -16.87 7.13 -3.33
C ILE A 53 -17.66 7.78 -4.47
N ASP A 54 -18.84 8.30 -4.14
CA ASP A 54 -19.67 8.99 -5.11
C ASP A 54 -18.95 10.20 -5.69
N GLY A 55 -18.26 10.94 -4.84
CA GLY A 55 -17.52 12.11 -5.27
C GLY A 55 -16.37 11.75 -6.19
N VAL A 56 -15.60 10.75 -5.79
CA VAL A 56 -14.45 10.30 -6.58
C VAL A 56 -14.89 9.77 -7.94
N ARG A 57 -15.99 9.04 -7.97
CA ARG A 57 -16.52 8.49 -9.22
C ARG A 57 -16.72 9.59 -10.25
N GLY A 58 -17.17 10.75 -9.78
CA GLY A 58 -17.38 11.89 -10.66
C GLY A 58 -16.08 12.36 -11.29
N VAL A 59 -15.03 12.43 -10.47
CA VAL A 59 -13.71 12.83 -10.96
C VAL A 59 -13.21 11.86 -12.02
N LEU A 60 -13.31 10.57 -11.73
CA LEU A 60 -12.86 9.53 -12.65
C LEU A 60 -13.57 9.62 -13.99
N ASP A 61 -14.88 9.91 -13.95
CA ASP A 61 -15.67 10.02 -15.17
C ASP A 61 -15.22 11.21 -16.01
N ARG A 62 -14.94 12.33 -15.37
CA ARG A 62 -14.49 13.53 -16.06
C ARG A 62 -13.12 13.30 -16.71
N LEU A 63 -12.28 12.51 -16.05
CA LEU A 63 -10.95 12.23 -16.56
C LEU A 63 -11.00 11.36 -17.81
N MET A 64 -11.90 10.40 -17.83
CA MET A 64 -12.05 9.50 -18.97
C MET A 64 -12.34 10.27 -20.25
N GLN A 65 -12.93 11.45 -20.12
CA GLN A 65 -13.28 12.28 -21.26
C GLN A 65 -12.03 12.81 -21.96
N ARG A 66 -10.96 13.00 -21.20
CA ARG A 66 -9.71 13.50 -21.75
C ARG A 66 -9.30 12.76 -23.02
N LYS A 67 -8.79 13.49 -23.99
CA LYS A 67 -8.43 12.92 -25.29
C LYS A 67 -6.98 12.43 -25.33
N ASP A 68 -6.11 13.10 -24.57
CA ASP A 68 -4.69 12.75 -24.55
C ASP A 68 -4.40 11.57 -23.64
N LEU A 69 -5.38 10.70 -23.47
CA LEU A 69 -5.22 9.50 -22.65
C LEU A 69 -4.81 8.29 -23.50
N ASP A 70 -3.82 7.55 -23.02
CA ASP A 70 -3.36 6.35 -23.71
C ASP A 70 -4.13 5.12 -23.21
N ILE A 71 -3.70 3.94 -23.65
CA ILE A 71 -4.36 2.70 -23.26
C ILE A 71 -4.15 2.42 -21.77
N PHE A 72 -3.01 2.85 -21.25
CA PHE A 72 -2.67 2.61 -19.85
C PHE A 72 -3.53 3.46 -18.91
N GLU A 73 -3.42 4.78 -19.05
CA GLU A 73 -4.17 5.71 -18.21
C GLU A 73 -5.67 5.43 -18.25
N GLN A 74 -6.16 5.00 -19.40
CA GLN A 74 -7.58 4.70 -19.56
C GLN A 74 -7.97 3.47 -18.75
N TYR A 75 -7.12 2.44 -18.80
CA TYR A 75 -7.37 1.20 -18.06
C TYR A 75 -7.37 1.44 -16.55
N ASN A 76 -6.36 2.16 -16.08
CA ASN A 76 -6.25 2.47 -14.66
C ASN A 76 -7.49 3.17 -14.11
N LEU A 77 -8.10 4.02 -14.95
CA LEU A 77 -9.31 4.72 -14.55
C LEU A 77 -10.47 3.75 -14.42
N GLU A 78 -10.63 2.88 -15.40
CA GLU A 78 -11.70 1.88 -15.37
C GLU A 78 -11.62 1.01 -14.13
N MET A 79 -10.41 0.62 -13.77
CA MET A 79 -10.18 -0.23 -12.60
C MET A 79 -10.51 0.52 -11.31
N ALA A 80 -10.05 1.76 -11.22
CA ALA A 80 -10.32 2.60 -10.06
C ALA A 80 -11.82 2.86 -9.94
N LYS A 81 -12.50 2.89 -11.08
CA LYS A 81 -13.94 3.11 -11.11
C LYS A 81 -14.69 1.86 -10.67
N LYS A 82 -14.19 0.70 -11.08
CA LYS A 82 -14.81 -0.57 -10.73
C LYS A 82 -14.59 -0.89 -9.26
N SER A 83 -13.44 -0.49 -8.74
CA SER A 83 -13.12 -0.70 -7.33
C SER A 83 -14.13 0.02 -6.44
N GLY A 84 -14.47 1.25 -6.83
CA GLY A 84 -15.45 2.03 -6.10
C GLY A 84 -16.85 1.43 -6.20
N ASP A 85 -17.18 0.94 -7.40
CA ASP A 85 -18.47 0.31 -7.63
C ASP A 85 -18.65 -0.91 -6.73
N ILE A 86 -17.60 -1.71 -6.61
CA ILE A 86 -17.63 -2.89 -5.77
C ILE A 86 -17.71 -2.51 -4.30
N LEU A 87 -16.85 -1.58 -3.88
CA LEU A 87 -16.80 -1.15 -2.50
C LEU A 87 -18.12 -0.57 -2.02
N GLU A 88 -18.72 0.30 -2.84
CA GLU A 88 -19.98 0.92 -2.48
C GLU A 88 -21.13 -0.09 -2.48
N ARG A 89 -21.12 -1.01 -3.44
CA ARG A 89 -22.14 -2.05 -3.52
C ARG A 89 -22.16 -2.88 -2.25
N ASP A 90 -20.98 -3.22 -1.75
CA ASP A 90 -20.85 -4.03 -0.54
C ASP A 90 -21.15 -3.22 0.71
N LEU A 91 -20.72 -1.97 0.72
CA LEU A 91 -20.96 -1.08 1.85
C LEU A 91 -22.45 -0.87 2.10
N LYS A 92 -23.20 -0.66 1.02
CA LYS A 92 -24.64 -0.44 1.12
C LYS A 92 -25.36 -1.69 1.62
N LYS A 93 -24.92 -2.86 1.18
CA LYS A 93 -25.48 -4.11 1.63
C LYS A 93 -25.24 -4.30 3.12
N GLU A 94 -24.04 -3.94 3.57
CA GLU A 94 -23.67 -4.06 4.97
C GLU A 94 -24.40 -3.02 5.80
N GLU A 95 -24.66 -1.85 5.22
CA GLU A 95 -25.36 -0.78 5.92
C GLU A 95 -26.83 -1.14 6.13
N ALA A 96 -27.44 -1.73 5.11
CA ALA A 96 -28.84 -2.15 5.20
C ALA A 96 -28.99 -3.27 6.22
N ARG A 97 -27.98 -4.13 6.29
CA ARG A 97 -27.98 -5.25 7.23
C ARG A 97 -27.84 -4.76 8.66
N VAL A 98 -26.91 -3.82 8.87
CA VAL A 98 -26.67 -3.27 10.20
C VAL A 98 -27.90 -2.56 10.75
N LYS A 99 -28.54 -1.75 9.90
CA LYS A 99 -29.73 -1.00 10.30
C LYS A 99 -30.84 -1.93 10.78
N LYS A 100 -30.94 -3.09 10.14
CA LYS A 100 -32.02 -4.03 10.42
C LYS A 100 -31.82 -4.78 11.73
N ILE A 101 -30.63 -4.64 12.32
CA ILE A 101 -30.32 -5.30 13.58
C ILE A 101 -30.97 -4.58 14.76
N GLU A 102 -31.88 -5.28 15.44
CA GLU A 102 -32.60 -4.69 16.57
C GLU A 102 -31.67 -4.37 17.73
N VAL A 103 -31.89 -3.22 18.35
CA VAL A 103 -31.10 -2.79 19.50
C VAL A 103 -31.96 -2.68 20.75
N ASN B 3 -13.45 -10.41 1.52
CA ASN B 3 -12.09 -10.93 1.47
C ASN B 3 -11.40 -10.59 0.14
N SER B 4 -12.11 -10.82 -0.96
CA SER B 4 -11.58 -10.49 -2.27
C SER B 4 -11.62 -8.99 -2.49
N LEU B 5 -12.45 -8.31 -1.70
CA LEU B 5 -12.58 -6.86 -1.77
C LEU B 5 -11.34 -6.17 -1.21
N MET B 6 -10.97 -6.53 0.01
CA MET B 6 -9.79 -5.96 0.65
C MET B 6 -8.53 -6.24 -0.14
N GLU B 7 -8.45 -7.42 -0.74
CA GLU B 7 -7.31 -7.79 -1.56
C GLU B 7 -7.26 -6.92 -2.81
N ARG B 8 -8.42 -6.67 -3.40
CA ARG B 8 -8.50 -5.84 -4.60
C ARG B 8 -8.14 -4.40 -4.29
N ILE B 9 -8.64 -3.89 -3.16
CA ILE B 9 -8.32 -2.54 -2.73
C ILE B 9 -6.82 -2.41 -2.45
N HIS B 10 -6.23 -3.47 -1.92
CA HIS B 10 -4.81 -3.48 -1.60
C HIS B 10 -3.95 -3.34 -2.84
N GLU B 11 -4.25 -4.15 -3.85
CA GLU B 11 -3.52 -4.10 -5.11
C GLU B 11 -3.85 -2.82 -5.87
N GLN B 12 -5.05 -2.30 -5.65
CA GLN B 12 -5.46 -1.04 -6.23
C GLN B 12 -4.61 0.10 -5.68
N ILE B 13 -4.04 -0.14 -4.51
CA ILE B 13 -3.19 0.84 -3.84
C ILE B 13 -1.79 0.87 -4.44
N LYS B 14 -1.21 -0.31 -4.61
CA LYS B 14 0.14 -0.43 -5.15
C LYS B 14 0.24 0.08 -6.58
N LYS B 15 -0.90 0.17 -7.27
CA LYS B 15 -0.94 0.70 -8.62
C LYS B 15 -0.62 2.20 -8.63
N GLY B 16 -1.33 2.94 -7.80
CA GLY B 16 -1.10 4.37 -7.68
C GLY B 16 0.33 4.67 -7.23
N GLU B 17 0.91 3.73 -6.49
CA GLU B 17 2.28 3.89 -6.01
C GLU B 17 3.26 3.71 -7.15
N LEU B 18 3.05 2.68 -7.96
CA LEU B 18 3.92 2.41 -9.11
C LEU B 18 3.75 3.47 -10.19
N ALA B 19 2.54 4.00 -10.30
CA ALA B 19 2.24 5.00 -11.32
C ALA B 19 3.18 6.19 -11.24
N LEU B 20 3.60 6.53 -10.02
CA LEU B 20 4.50 7.65 -9.80
C LEU B 20 5.96 7.26 -10.05
N PHE B 21 6.33 6.06 -9.63
CA PHE B 21 7.68 5.55 -9.87
C PHE B 21 7.91 5.38 -11.37
N TYR B 22 6.93 4.81 -12.05
CA TYR B 22 7.00 4.63 -13.50
C TYR B 22 7.14 5.98 -14.19
N LEU B 23 6.51 7.00 -13.60
CA LEU B 23 6.61 8.36 -14.10
C LEU B 23 8.03 8.88 -13.90
N GLN B 24 8.56 8.66 -12.70
CA GLN B 24 9.91 9.08 -12.37
C GLN B 24 10.93 8.51 -13.35
N GLU B 25 10.71 7.27 -13.75
CA GLU B 25 11.61 6.61 -14.69
C GLU B 25 11.48 7.21 -16.09
N GLN B 26 10.24 7.56 -16.46
CA GLN B 26 9.99 8.22 -17.73
C GLN B 26 10.78 9.52 -17.82
N ILE B 27 10.75 10.30 -16.74
CA ILE B 27 11.48 11.55 -16.68
C ILE B 27 12.98 11.31 -16.80
N ASN B 28 13.46 10.25 -16.17
CA ASN B 28 14.87 9.89 -16.22
C ASN B 28 15.34 9.61 -17.65
N HIS B 29 14.75 8.60 -18.27
CA HIS B 29 15.09 8.23 -19.64
C HIS B 29 14.94 9.41 -20.60
N PHE B 30 13.97 10.26 -20.32
CA PHE B 30 13.72 11.44 -21.15
C PHE B 30 14.97 12.31 -21.23
N GLU B 31 15.61 12.55 -20.08
CA GLU B 31 16.81 13.36 -20.03
C GLU B 31 17.93 12.76 -20.87
N GLU B 32 18.02 11.44 -20.85
CA GLU B 32 19.06 10.74 -21.61
C GLU B 32 18.93 11.02 -23.11
N LYS B 33 17.70 11.19 -23.58
CA LYS B 33 17.44 11.48 -24.98
C LYS B 33 16.14 12.25 -25.15
N PRO B 34 16.21 13.58 -24.96
CA PRO B 34 15.04 14.46 -25.07
C PRO B 34 14.34 14.34 -26.42
N THR B 35 13.02 14.50 -26.42
CA THR B 35 12.24 14.43 -27.66
C THR B 35 10.87 15.08 -27.47
N LYS B 36 10.40 15.75 -28.52
CA LYS B 36 9.14 16.47 -28.47
C LYS B 36 7.94 15.55 -28.32
N GLU B 37 8.17 14.25 -28.52
CA GLU B 37 7.10 13.26 -28.41
C GLU B 37 6.91 12.80 -26.97
N MET B 38 8.01 12.41 -26.33
CA MET B 38 7.96 12.00 -24.93
C MET B 38 7.64 13.20 -24.05
N LYS B 39 8.04 14.38 -24.50
CA LYS B 39 7.76 15.61 -23.77
C LYS B 39 6.26 15.91 -23.76
N ASP B 40 5.63 15.75 -24.92
CA ASP B 40 4.18 15.95 -25.03
C ASP B 40 3.43 14.88 -24.25
N LYS B 41 3.97 13.66 -24.25
CA LYS B 41 3.35 12.56 -23.54
C LYS B 41 3.43 12.79 -22.03
N ILE B 42 4.64 13.01 -21.53
CA ILE B 42 4.87 13.27 -20.12
C ILE B 42 4.02 14.45 -19.64
N VAL B 43 3.96 15.49 -20.46
CA VAL B 43 3.17 16.68 -20.13
C VAL B 43 1.71 16.31 -19.90
N ALA B 44 1.16 15.50 -20.80
CA ALA B 44 -0.23 15.05 -20.70
C ALA B 44 -0.42 14.14 -19.49
N GLU B 45 0.57 13.30 -19.22
CA GLU B 45 0.52 12.37 -18.10
C GLU B 45 0.50 13.12 -16.78
N MET B 46 1.47 14.02 -16.60
CA MET B 46 1.57 14.79 -15.37
C MET B 46 0.38 15.73 -15.20
N ASP B 47 -0.21 16.14 -16.32
CA ASP B 47 -1.37 17.02 -16.30
C ASP B 47 -2.60 16.30 -15.75
N THR B 48 -2.85 15.10 -16.27
CA THR B 48 -4.01 14.32 -15.87
C THR B 48 -3.99 14.03 -14.36
N ILE B 49 -2.83 13.63 -13.87
CA ILE B 49 -2.65 13.36 -12.45
C ILE B 49 -2.99 14.59 -11.62
N ILE B 50 -2.46 15.74 -12.04
CA ILE B 50 -2.73 17.00 -11.35
C ILE B 50 -4.23 17.29 -11.31
N ALA B 51 -4.90 17.06 -12.44
CA ALA B 51 -6.33 17.27 -12.52
C ALA B 51 -7.07 16.38 -11.53
N MET B 52 -6.60 15.15 -11.38
CA MET B 52 -7.18 14.21 -10.43
C MET B 52 -7.08 14.76 -9.00
N ILE B 53 -5.87 15.15 -8.62
CA ILE B 53 -5.63 15.72 -7.30
C ILE B 53 -6.54 16.91 -7.03
N ASP B 54 -6.74 17.72 -8.05
CA ASP B 54 -7.64 18.86 -7.97
C ASP B 54 -9.05 18.42 -7.64
N GLY B 55 -9.57 17.48 -8.42
CA GLY B 55 -10.92 16.97 -8.24
C GLY B 55 -11.10 16.34 -6.87
N VAL B 56 -10.18 15.46 -6.49
CA VAL B 56 -10.24 14.79 -5.21
C VAL B 56 -10.27 15.78 -4.05
N ARG B 57 -9.48 16.85 -4.16
CA ARG B 57 -9.45 17.88 -3.14
C ARG B 57 -10.83 18.50 -2.97
N GLY B 58 -11.46 18.85 -4.09
CA GLY B 58 -12.80 19.40 -4.07
C GLY B 58 -13.76 18.49 -3.33
N VAL B 59 -13.58 17.19 -3.50
CA VAL B 59 -14.41 16.21 -2.81
C VAL B 59 -14.08 16.20 -1.31
N LEU B 60 -12.79 16.31 -1.01
CA LEU B 60 -12.33 16.31 0.38
C LEU B 60 -12.82 17.56 1.11
N ASP B 61 -12.97 18.65 0.38
CA ASP B 61 -13.47 19.89 0.96
C ASP B 61 -14.96 19.77 1.29
N ARG B 62 -15.70 19.09 0.42
CA ARG B 62 -17.12 18.87 0.62
C ARG B 62 -17.37 17.97 1.81
N LEU B 63 -16.59 16.89 1.90
CA LEU B 63 -16.73 15.93 2.99
C LEU B 63 -16.53 16.58 4.35
N MET B 64 -15.56 17.50 4.43
CA MET B 64 -15.26 18.19 5.68
C MET B 64 -16.44 19.05 6.13
N GLN B 65 -17.34 19.34 5.21
CA GLN B 65 -18.49 20.19 5.51
C GLN B 65 -19.62 19.38 6.14
N ARG B 66 -19.48 18.06 6.17
CA ARG B 66 -20.47 17.19 6.79
C ARG B 66 -20.51 17.44 8.29
N LYS B 67 -21.64 17.11 8.91
CA LYS B 67 -21.88 17.46 10.31
C LYS B 67 -21.56 16.34 11.30
N ASP B 68 -21.72 15.09 10.86
CA ASP B 68 -21.54 13.94 11.74
C ASP B 68 -20.09 13.46 11.84
N LEU B 69 -19.16 14.29 11.39
CA LEU B 69 -17.74 13.93 11.42
C LEU B 69 -17.16 14.07 12.82
N ASP B 70 -16.21 13.20 13.14
CA ASP B 70 -15.49 13.29 14.41
C ASP B 70 -14.04 13.69 14.15
N ILE B 71 -13.27 13.86 15.23
CA ILE B 71 -11.89 14.30 15.12
C ILE B 71 -11.06 13.40 14.21
N PHE B 72 -11.27 12.09 14.34
CA PHE B 72 -10.50 11.11 13.58
C PHE B 72 -10.85 11.15 12.10
N GLU B 73 -12.12 11.39 11.80
CA GLU B 73 -12.59 11.49 10.42
C GLU B 73 -12.11 12.81 9.81
N GLN B 74 -12.15 13.87 10.61
CA GLN B 74 -11.67 15.17 10.17
C GLN B 74 -10.18 15.13 9.87
N TYR B 75 -9.42 14.46 10.74
CA TYR B 75 -7.98 14.35 10.56
C TYR B 75 -7.63 13.57 9.29
N ASN B 76 -8.32 12.46 9.08
CA ASN B 76 -8.11 11.65 7.88
C ASN B 76 -8.32 12.47 6.61
N LEU B 77 -9.37 13.29 6.61
CA LEU B 77 -9.65 14.17 5.48
C LEU B 77 -8.57 15.23 5.32
N GLU B 78 -8.17 15.82 6.44
CA GLU B 78 -7.12 16.84 6.42
C GLU B 78 -5.83 16.28 5.82
N MET B 79 -5.43 15.10 6.28
CA MET B 79 -4.22 14.46 5.79
C MET B 79 -4.35 14.09 4.31
N ALA B 80 -5.52 13.58 3.94
CA ALA B 80 -5.78 13.22 2.55
C ALA B 80 -5.64 14.43 1.64
N LYS B 81 -6.08 15.58 2.14
CA LYS B 81 -5.98 16.82 1.38
C LYS B 81 -4.56 17.36 1.40
N LYS B 82 -3.89 17.19 2.54
CA LYS B 82 -2.51 17.66 2.70
C LYS B 82 -1.56 16.90 1.78
N SER B 83 -1.64 15.57 1.83
CA SER B 83 -0.81 14.73 0.99
C SER B 83 -1.07 15.01 -0.49
N GLY B 84 -2.28 15.50 -0.79
CA GLY B 84 -2.63 15.87 -2.14
C GLY B 84 -1.93 17.14 -2.58
N ASP B 85 -1.77 18.06 -1.64
CA ASP B 85 -1.08 19.32 -1.90
C ASP B 85 0.39 19.08 -2.22
N ILE B 86 1.08 18.40 -1.32
CA ILE B 86 2.50 18.11 -1.49
C ILE B 86 2.78 17.40 -2.82
N LEU B 87 2.04 16.33 -3.07
CA LEU B 87 2.18 15.57 -4.31
C LEU B 87 2.08 16.47 -5.53
N GLU B 88 0.98 17.23 -5.59
CA GLU B 88 0.75 18.13 -6.72
C GLU B 88 1.83 19.20 -6.81
N ARG B 89 2.29 19.66 -5.65
CA ARG B 89 3.33 20.68 -5.58
C ARG B 89 4.58 20.23 -6.34
N ASP B 90 5.08 19.05 -6.00
CA ASP B 90 6.25 18.49 -6.66
C ASP B 90 5.98 18.24 -8.14
N LEU B 91 4.75 17.81 -8.44
CA LEU B 91 4.35 17.57 -9.82
C LEU B 91 4.47 18.83 -10.67
N LYS B 92 3.87 19.91 -10.18
CA LYS B 92 3.89 21.18 -10.89
C LYS B 92 5.30 21.69 -11.09
N LYS B 93 6.13 21.55 -10.06
CA LYS B 93 7.51 22.00 -10.12
C LYS B 93 8.35 21.13 -11.05
N GLU B 94 8.26 19.82 -10.86
CA GLU B 94 9.02 18.87 -11.68
C GLU B 94 8.69 19.04 -13.16
N GLU B 95 7.41 19.21 -13.46
CA GLU B 95 6.96 19.37 -14.84
C GLU B 95 7.63 20.58 -15.47
N ALA B 96 7.75 21.65 -14.69
CA ALA B 96 8.41 22.87 -15.16
C ALA B 96 9.86 22.58 -15.55
N ARG B 97 10.55 21.84 -14.68
CA ARG B 97 11.94 21.46 -14.95
C ARG B 97 12.03 20.59 -16.20
N VAL B 98 11.00 19.77 -16.41
CA VAL B 98 10.94 18.90 -17.58
C VAL B 98 10.74 19.71 -18.87
N LYS B 99 9.87 20.71 -18.80
CA LYS B 99 9.58 21.55 -19.95
C LYS B 99 10.78 22.39 -20.36
N LYS B 100 11.51 22.90 -19.37
CA LYS B 100 12.66 23.75 -19.63
C LYS B 100 13.89 22.94 -20.03
N ILE B 101 13.66 21.74 -20.56
CA ILE B 101 14.75 20.90 -21.04
C ILE B 101 14.88 20.97 -22.55
N GLU B 102 16.06 21.31 -23.04
CA GLU B 102 16.32 21.43 -24.47
C GLU B 102 15.96 20.15 -25.21
N VAL B 103 14.96 20.23 -26.08
CA VAL B 103 14.52 19.08 -26.85
C VAL B 103 14.80 19.28 -28.34
CA ASN C 3 -7.63 19.37 28.94
C ASN C 3 -7.22 18.22 29.84
N SER C 4 -7.25 18.45 31.15
CA SER C 4 -6.90 17.43 32.13
C SER C 4 -5.49 16.88 31.90
N LEU C 5 -5.35 15.56 31.99
CA LEU C 5 -4.05 14.92 31.81
C LEU C 5 -3.52 15.09 30.39
N MET C 6 -4.40 15.00 29.42
CA MET C 6 -4.02 15.14 28.01
C MET C 6 -3.36 16.49 27.75
N GLU C 7 -3.86 17.52 28.41
CA GLU C 7 -3.31 18.86 28.26
C GLU C 7 -1.87 18.92 28.75
N ARG C 8 -1.61 18.25 29.87
CA ARG C 8 -0.28 18.21 30.46
C ARG C 8 0.66 17.32 29.63
N ILE C 9 0.18 16.13 29.30
CA ILE C 9 0.95 15.20 28.49
C ILE C 9 1.35 15.84 27.15
N HIS C 10 0.42 16.58 26.57
CA HIS C 10 0.67 17.24 25.29
C HIS C 10 1.83 18.21 25.35
N GLU C 11 1.73 19.21 26.22
CA GLU C 11 2.79 20.20 26.38
C GLU C 11 4.10 19.53 26.79
N GLN C 12 3.98 18.41 27.49
CA GLN C 12 5.15 17.65 27.91
C GLN C 12 5.88 17.10 26.70
N ILE C 13 5.11 16.70 25.69
CA ILE C 13 5.67 16.19 24.44
C ILE C 13 6.17 17.35 23.58
N LYS C 14 5.48 18.48 23.66
CA LYS C 14 5.86 19.67 22.91
C LYS C 14 7.28 20.11 23.28
N LYS C 15 7.63 19.92 24.55
CA LYS C 15 8.96 20.26 25.02
C LYS C 15 10.02 19.43 24.29
N GLY C 16 9.68 18.17 24.03
CA GLY C 16 10.59 17.28 23.31
C GLY C 16 10.85 17.76 21.90
N GLU C 17 9.83 18.33 21.27
CA GLU C 17 9.95 18.84 19.92
C GLU C 17 10.89 20.04 19.89
N LEU C 18 10.74 20.93 20.86
CA LEU C 18 11.60 22.11 20.96
C LEU C 18 13.04 21.71 21.23
N ALA C 19 13.23 20.73 22.11
CA ALA C 19 14.57 20.27 22.46
C ALA C 19 15.35 19.86 21.22
N LEU C 20 14.64 19.37 20.21
CA LEU C 20 15.27 18.97 18.96
C LEU C 20 15.73 20.19 18.15
N PHE C 21 14.82 21.14 17.96
CA PHE C 21 15.16 22.38 17.28
C PHE C 21 16.33 23.07 17.97
N TYR C 22 16.37 22.96 19.30
CA TYR C 22 17.43 23.55 20.10
C TYR C 22 18.76 22.88 19.76
N LEU C 23 18.73 21.54 19.67
CA LEU C 23 19.90 20.78 19.28
C LEU C 23 20.36 21.19 17.89
N GLN C 24 19.40 21.40 16.99
CA GLN C 24 19.70 21.83 15.63
C GLN C 24 20.48 23.13 15.63
N GLU C 25 20.20 23.99 16.60
CA GLU C 25 20.90 25.25 16.74
C GLU C 25 22.33 25.04 17.23
N GLN C 26 22.49 24.13 18.19
CA GLN C 26 23.81 23.78 18.69
C GLN C 26 24.70 23.33 17.54
N ILE C 27 24.15 22.50 16.67
CA ILE C 27 24.88 21.99 15.51
C ILE C 27 25.07 23.09 14.47
N ASN C 28 24.02 23.87 14.24
CA ASN C 28 24.06 24.95 13.25
C ASN C 28 25.15 25.97 13.56
N HIS C 29 25.31 26.29 14.84
CA HIS C 29 26.33 27.24 15.27
C HIS C 29 27.68 26.56 15.47
N PHE C 30 27.66 25.25 15.70
CA PHE C 30 28.89 24.48 15.89
C PHE C 30 29.73 24.48 14.62
N GLU C 31 29.06 24.51 13.48
CA GLU C 31 29.75 24.53 12.19
C GLU C 31 30.41 25.89 11.94
N GLU C 32 29.98 26.89 12.69
CA GLU C 32 30.56 28.23 12.58
C GLU C 32 31.88 28.29 13.34
N LYS C 33 31.86 27.82 14.59
CA LYS C 33 33.06 27.79 15.41
C LYS C 33 33.19 26.43 16.09
N PRO C 34 33.78 25.45 15.39
CA PRO C 34 33.94 24.08 15.87
C PRO C 34 34.76 24.01 17.16
N THR C 35 34.11 24.24 18.29
CA THR C 35 34.78 24.16 19.58
C THR C 35 34.62 22.76 20.18
N LYS C 36 35.73 22.09 20.42
CA LYS C 36 35.72 20.74 20.98
C LYS C 36 34.99 20.70 22.32
N GLU C 37 34.91 21.84 22.99
CA GLU C 37 34.21 21.95 24.25
C GLU C 37 32.71 21.72 24.07
N MET C 38 32.19 22.14 22.93
CA MET C 38 30.79 21.96 22.60
C MET C 38 30.55 20.59 21.98
N LYS C 39 31.55 20.08 21.29
CA LYS C 39 31.45 18.77 20.65
C LYS C 39 31.12 17.69 21.67
N ASP C 40 31.90 17.64 22.74
CA ASP C 40 31.69 16.65 23.80
C ASP C 40 30.32 16.84 24.45
N LYS C 41 29.81 18.06 24.40
CA LYS C 41 28.52 18.38 24.99
C LYS C 41 27.38 17.89 24.12
N ILE C 42 27.39 18.30 22.85
CA ILE C 42 26.33 17.92 21.91
C ILE C 42 26.20 16.40 21.81
N VAL C 43 27.32 15.72 21.62
CA VAL C 43 27.33 14.27 21.50
C VAL C 43 26.66 13.61 22.69
N ALA C 44 27.01 14.06 23.90
CA ALA C 44 26.43 13.53 25.12
C ALA C 44 24.91 13.62 25.09
N GLU C 45 24.39 14.75 24.62
CA GLU C 45 22.96 14.96 24.53
C GLU C 45 22.32 13.97 23.56
N MET C 46 22.95 13.77 22.41
CA MET C 46 22.44 12.87 21.39
C MET C 46 22.40 11.44 21.90
N ASP C 47 23.45 11.03 22.60
CA ASP C 47 23.51 9.70 23.18
C ASP C 47 22.41 9.52 24.22
N THR C 48 22.09 10.60 24.93
CA THR C 48 21.05 10.56 25.94
C THR C 48 19.67 10.35 25.30
N ILE C 49 19.39 11.13 24.27
CA ILE C 49 18.12 11.01 23.56
C ILE C 49 17.97 9.63 22.93
N ILE C 50 19.05 9.14 22.33
CA ILE C 50 19.05 7.82 21.70
C ILE C 50 18.85 6.73 22.75
N ALA C 51 19.51 6.87 23.90
CA ALA C 51 19.35 5.93 25.00
C ALA C 51 17.92 5.95 25.51
N MET C 52 17.25 7.10 25.33
CA MET C 52 15.85 7.24 25.73
C MET C 52 14.94 6.55 24.72
N ILE C 53 15.20 6.78 23.44
CA ILE C 53 14.42 6.15 22.38
C ILE C 53 14.50 4.63 22.47
N ASP C 54 15.73 4.12 22.63
CA ASP C 54 15.94 2.68 22.77
C ASP C 54 15.13 2.12 23.93
N GLY C 55 15.00 2.92 24.99
CA GLY C 55 14.23 2.51 26.15
C GLY C 55 12.74 2.49 25.85
N VAL C 56 12.28 3.48 25.09
CA VAL C 56 10.87 3.58 24.73
C VAL C 56 10.45 2.41 23.86
N ARG C 57 11.31 2.03 22.93
CA ARG C 57 11.03 0.91 22.03
C ARG C 57 10.70 -0.36 22.81
N GLY C 58 11.51 -0.66 23.81
CA GLY C 58 11.30 -1.84 24.64
C GLY C 58 9.95 -1.84 25.31
N VAL C 59 9.44 -0.65 25.64
CA VAL C 59 8.14 -0.52 26.28
C VAL C 59 7.01 -0.69 25.26
N LEU C 60 7.23 -0.15 24.06
CA LEU C 60 6.25 -0.24 22.99
C LEU C 60 6.10 -1.69 22.51
N ASP C 61 7.19 -2.45 22.60
CA ASP C 61 7.19 -3.84 22.16
C ASP C 61 6.36 -4.72 23.09
N ARG C 62 6.42 -4.45 24.39
N ARG C 62 6.43 -4.43 24.39
CA ARG C 62 5.67 -5.23 25.36
CA ARG C 62 5.68 -5.19 25.38
C ARG C 62 4.17 -4.96 25.25
C ARG C 62 4.19 -4.96 25.25
N LEU C 63 3.81 -3.74 24.90
CA LEU C 63 2.42 -3.36 24.74
C LEU C 63 1.83 -3.97 23.48
N MET C 64 2.65 -4.03 22.43
CA MET C 64 2.22 -4.62 21.16
C MET C 64 2.10 -6.14 21.26
N GLN C 65 2.53 -6.68 22.39
CA GLN C 65 2.47 -8.12 22.62
C GLN C 65 1.06 -8.56 22.99
N ARG C 66 0.25 -7.62 23.47
CA ARG C 66 -1.13 -7.91 23.84
C ARG C 66 -1.96 -8.31 22.63
N LYS C 67 -2.98 -9.13 22.86
CA LYS C 67 -3.81 -9.62 21.78
C LYS C 67 -5.25 -9.12 21.90
N ASP C 68 -5.43 -7.97 22.53
CA ASP C 68 -6.75 -7.39 22.69
C ASP C 68 -6.77 -5.92 22.29
N LEU C 69 -5.86 -5.54 21.41
CA LEU C 69 -5.81 -4.17 20.90
C LEU C 69 -6.54 -4.08 19.56
N ASP C 70 -7.37 -3.07 19.41
CA ASP C 70 -8.10 -2.86 18.16
C ASP C 70 -7.16 -2.37 17.07
N ILE C 71 -7.62 -2.43 15.82
CA ILE C 71 -6.78 -2.10 14.67
C ILE C 71 -6.18 -0.69 14.75
N PHE C 72 -6.93 0.23 15.34
CA PHE C 72 -6.46 1.61 15.48
C PHE C 72 -5.36 1.71 16.54
N GLU C 73 -5.52 0.96 17.62
CA GLU C 73 -4.54 0.93 18.69
C GLU C 73 -3.24 0.30 18.21
N GLN C 74 -3.37 -0.73 17.38
CA GLN C 74 -2.21 -1.39 16.80
C GLN C 74 -1.48 -0.41 15.88
N TYR C 75 -2.24 0.32 15.08
CA TYR C 75 -1.68 1.29 14.15
C TYR C 75 -0.84 2.34 14.87
N ASN C 76 -1.43 2.99 15.86
CA ASN C 76 -0.75 4.03 16.62
C ASN C 76 0.56 3.55 17.24
N LEU C 77 0.58 2.30 17.69
CA LEU C 77 1.78 1.72 18.28
C LEU C 77 2.86 1.51 17.22
N GLU C 78 2.46 1.08 16.04
CA GLU C 78 3.39 0.90 14.93
C GLU C 78 3.99 2.23 14.51
N MET C 79 3.13 3.25 14.41
CA MET C 79 3.58 4.59 14.03
C MET C 79 4.57 5.15 15.04
N ALA C 80 4.22 5.04 16.32
CA ALA C 80 5.09 5.53 17.38
C ALA C 80 6.46 4.87 17.34
N LYS C 81 6.47 3.54 17.20
CA LYS C 81 7.72 2.79 17.13
C LYS C 81 8.49 3.11 15.86
N LYS C 82 7.76 3.33 14.77
CA LYS C 82 8.38 3.64 13.48
C LYS C 82 9.02 5.03 13.50
N SER C 83 8.27 6.00 14.02
CA SER C 83 8.78 7.36 14.12
C SER C 83 10.04 7.41 14.98
N GLY C 84 10.05 6.59 16.04
CA GLY C 84 11.21 6.50 16.90
C GLY C 84 12.39 5.89 16.17
N ASP C 85 12.11 4.90 15.34
CA ASP C 85 13.16 4.26 14.54
C ASP C 85 13.74 5.23 13.52
N ILE C 86 12.88 6.08 12.96
CA ILE C 86 13.31 7.07 11.97
C ILE C 86 14.19 8.14 12.61
N LEU C 87 13.73 8.69 13.73
CA LEU C 87 14.45 9.75 14.42
C LEU C 87 15.85 9.27 14.85
N GLU C 88 15.94 8.03 15.29
CA GLU C 88 17.21 7.48 15.75
C GLU C 88 18.20 7.28 14.61
N ARG C 89 17.68 6.98 13.42
CA ARG C 89 18.52 6.82 12.24
C ARG C 89 19.22 8.13 11.91
N ASP C 90 18.44 9.22 11.88
CA ASP C 90 18.96 10.54 11.54
C ASP C 90 19.89 11.09 12.61
N LEU C 91 19.68 10.68 13.85
CA LEU C 91 20.53 11.13 14.95
C LEU C 91 21.91 10.49 14.87
N LYS C 92 21.94 9.17 14.72
CA LYS C 92 23.20 8.44 14.65
C LYS C 92 24.00 8.80 13.40
N LYS C 93 23.28 9.12 12.32
CA LYS C 93 23.93 9.51 11.07
C LYS C 93 24.45 10.94 11.16
N GLU C 94 23.84 11.72 12.04
CA GLU C 94 24.25 13.11 12.25
C GLU C 94 25.36 13.19 13.28
N GLU C 95 25.23 12.38 14.34
CA GLU C 95 26.24 12.32 15.38
C GLU C 95 27.57 11.84 14.83
N ALA C 96 27.50 10.91 13.88
CA ALA C 96 28.69 10.36 13.24
C ALA C 96 29.40 11.43 12.41
N ARG C 97 28.61 12.28 11.77
CA ARG C 97 29.16 13.36 10.96
C ARG C 97 29.76 14.45 11.84
N VAL C 98 29.14 14.70 12.98
CA VAL C 98 29.61 15.69 13.93
C VAL C 98 30.98 15.30 14.50
N LYS C 99 31.09 14.04 14.92
CA LYS C 99 32.34 13.53 15.47
C LYS C 99 33.48 13.62 14.46
N LYS C 100 33.12 13.64 13.18
CA LYS C 100 34.11 13.70 12.11
C LYS C 100 34.71 15.10 11.98
N ILE C 101 33.98 16.10 12.48
CA ILE C 101 34.44 17.47 12.43
C ILE C 101 35.58 17.71 13.42
N GLU C 102 36.80 17.80 12.89
CA GLU C 102 37.98 18.01 13.71
C GLU C 102 37.95 19.38 14.40
N VAL C 103 38.39 19.42 15.65
CA VAL C 103 38.41 20.66 16.41
N ASN D 3 12.71 21.57 7.48
CA ASN D 3 13.25 20.24 7.27
C ASN D 3 12.16 19.18 7.31
N SER D 4 12.17 18.28 6.33
CA SER D 4 11.15 17.24 6.21
C SER D 4 11.04 16.40 7.49
N LEU D 5 12.19 16.08 8.10
CA LEU D 5 12.21 15.29 9.32
C LEU D 5 11.36 15.92 10.41
N MET D 6 11.64 17.17 10.73
CA MET D 6 10.89 17.90 11.74
C MET D 6 9.44 18.06 11.32
N GLU D 7 9.22 18.13 10.00
CA GLU D 7 7.87 18.23 9.46
C GLU D 7 7.11 16.94 9.67
N ARG D 8 7.83 15.82 9.63
CA ARG D 8 7.23 14.51 9.85
C ARG D 8 7.01 14.27 11.34
N ILE D 9 8.00 14.63 12.15
CA ILE D 9 7.90 14.50 13.60
C ILE D 9 6.70 15.27 14.13
N HIS D 10 6.49 16.48 13.60
CA HIS D 10 5.37 17.31 14.01
C HIS D 10 4.04 16.64 13.67
N GLU D 11 3.98 15.99 12.52
CA GLU D 11 2.78 15.27 12.11
C GLU D 11 2.54 14.05 13.01
N GLN D 12 3.63 13.40 13.43
CA GLN D 12 3.53 12.26 14.31
C GLN D 12 3.00 12.65 15.68
N ILE D 13 3.36 13.85 16.12
CA ILE D 13 2.87 14.37 17.39
C ILE D 13 1.36 14.57 17.34
N LYS D 14 0.87 15.01 16.20
CA LYS D 14 -0.57 15.19 16.01
C LYS D 14 -1.29 13.84 16.04
N LYS D 15 -0.65 12.82 15.51
CA LYS D 15 -1.20 11.48 15.53
C LYS D 15 -1.23 10.93 16.96
N GLY D 16 -0.12 11.10 17.67
CA GLY D 16 -0.03 10.66 19.05
C GLY D 16 -1.04 11.39 19.92
N GLU D 17 -1.39 12.61 19.51
CA GLU D 17 -2.37 13.40 20.23
C GLU D 17 -3.75 12.77 20.10
N LEU D 18 -4.08 12.30 18.89
CA LEU D 18 -5.34 11.63 18.65
C LEU D 18 -5.37 10.28 19.36
N ALA D 19 -4.21 9.63 19.44
CA ALA D 19 -4.09 8.35 20.11
C ALA D 19 -4.43 8.48 21.59
N LEU D 20 -3.98 9.58 22.19
CA LEU D 20 -4.26 9.84 23.60
C LEU D 20 -5.73 10.14 23.84
N PHE D 21 -6.32 10.91 22.93
CA PHE D 21 -7.75 11.24 23.03
C PHE D 21 -8.60 10.00 22.83
N TYR D 22 -8.14 9.09 21.97
CA TYR D 22 -8.84 7.83 21.73
C TYR D 22 -8.85 7.01 23.02
N LEU D 23 -7.75 7.04 23.75
CA LEU D 23 -7.65 6.37 25.04
C LEU D 23 -8.63 7.00 26.02
N GLN D 24 -8.78 8.32 25.94
CA GLN D 24 -9.71 9.05 26.80
C GLN D 24 -11.13 8.52 26.60
N GLU D 25 -11.52 8.33 25.35
CA GLU D 25 -12.84 7.81 25.03
C GLU D 25 -13.03 6.41 25.61
N GLN D 26 -11.99 5.57 25.46
CA GLN D 26 -12.02 4.22 26.02
C GLN D 26 -12.37 4.26 27.50
N ILE D 27 -11.72 5.17 28.23
CA ILE D 27 -11.97 5.31 29.66
C ILE D 27 -13.39 5.81 29.91
N ASN D 28 -13.86 6.71 29.08
CA ASN D 28 -15.22 7.23 29.18
C ASN D 28 -16.27 6.13 29.08
N HIS D 29 -16.24 5.41 27.95
CA HIS D 29 -17.18 4.32 27.73
C HIS D 29 -17.00 3.22 28.78
N PHE D 30 -15.75 3.05 29.23
CA PHE D 30 -15.46 2.08 30.28
C PHE D 30 -16.28 2.37 31.52
N GLU D 31 -16.37 3.65 31.89
CA GLU D 31 -17.17 4.06 33.03
C GLU D 31 -18.64 3.74 32.80
N GLU D 32 -19.10 4.02 31.59
CA GLU D 32 -20.49 3.74 31.22
C GLU D 32 -20.80 2.25 31.37
N LYS D 33 -20.07 1.43 30.64
CA LYS D 33 -20.25 -0.02 30.71
C LYS D 33 -18.97 -0.69 31.20
N PRO D 34 -18.75 -0.70 32.53
CA PRO D 34 -17.55 -1.26 33.15
C PRO D 34 -17.40 -2.76 32.89
N THR D 35 -16.38 -3.12 32.12
CA THR D 35 -16.07 -4.52 31.88
C THR D 35 -14.62 -4.83 32.24
N LYS D 36 -14.38 -6.03 32.75
CA LYS D 36 -13.05 -6.42 33.22
C LYS D 36 -12.00 -6.36 32.11
N GLU D 37 -12.30 -6.96 30.97
CA GLU D 37 -11.36 -7.02 29.86
C GLU D 37 -10.87 -5.64 29.44
N MET D 38 -11.76 -4.65 29.48
CA MET D 38 -11.41 -3.29 29.10
C MET D 38 -10.46 -2.66 30.12
N LYS D 39 -10.76 -2.85 31.40
CA LYS D 39 -9.91 -2.34 32.46
C LYS D 39 -8.48 -2.83 32.31
N ASP D 40 -8.35 -4.11 32.00
CA ASP D 40 -7.04 -4.72 31.81
C ASP D 40 -6.23 -4.00 30.73
N LYS D 41 -6.86 -3.72 29.60
CA LYS D 41 -6.19 -3.06 28.49
C LYS D 41 -5.87 -1.61 28.81
N ILE D 42 -6.82 -0.91 29.43
CA ILE D 42 -6.62 0.48 29.82
C ILE D 42 -5.45 0.63 30.79
N VAL D 43 -5.44 -0.20 31.82
CA VAL D 43 -4.35 -0.18 32.79
C VAL D 43 -3.03 -0.47 32.11
N ALA D 44 -3.01 -1.45 31.23
CA ALA D 44 -1.80 -1.80 30.49
C ALA D 44 -1.33 -0.63 29.63
N GLU D 45 -2.28 0.10 29.06
CA GLU D 45 -1.95 1.24 28.21
C GLU D 45 -1.43 2.41 29.04
N MET D 46 -1.96 2.58 30.25
CA MET D 46 -1.50 3.64 31.14
C MET D 46 -0.15 3.29 31.76
N ASP D 47 0.00 2.03 32.15
CA ASP D 47 1.28 1.54 32.69
C ASP D 47 2.39 1.75 31.67
N THR D 48 2.02 1.68 30.39
CA THR D 48 2.97 1.92 29.31
C THR D 48 3.32 3.40 29.24
N ILE D 49 2.28 4.24 29.31
CA ILE D 49 2.47 5.69 29.28
C ILE D 49 3.32 6.15 30.46
N ILE D 50 3.07 5.54 31.63
CA ILE D 50 3.83 5.86 32.83
C ILE D 50 5.26 5.36 32.72
N ALA D 51 5.42 4.15 32.17
CA ALA D 51 6.73 3.56 31.98
C ALA D 51 7.61 4.45 31.11
N MET D 52 7.00 5.09 30.12
CA MET D 52 7.73 5.99 29.23
C MET D 52 8.25 7.20 30.00
N ILE D 53 7.42 7.72 30.91
CA ILE D 53 7.81 8.86 31.73
C ILE D 53 8.97 8.49 32.66
N ASP D 54 8.92 7.28 33.20
CA ASP D 54 10.00 6.78 34.05
C ASP D 54 11.32 6.76 33.28
N GLY D 55 11.23 6.56 31.97
CA GLY D 55 12.40 6.58 31.12
C GLY D 55 12.87 7.99 30.85
N VAL D 56 11.97 8.95 31.04
CA VAL D 56 12.29 10.35 30.84
C VAL D 56 13.06 10.92 32.03
N ARG D 57 12.69 10.47 33.23
CA ARG D 57 13.37 10.92 34.44
C ARG D 57 14.83 10.49 34.46
N GLY D 58 15.08 9.21 34.19
CA GLY D 58 16.42 8.70 34.11
C GLY D 58 17.26 9.45 33.09
N VAL D 59 16.58 10.05 32.12
CA VAL D 59 17.23 10.87 31.11
C VAL D 59 17.61 12.23 31.67
N LEU D 60 16.65 12.89 32.30
CA LEU D 60 16.88 14.21 32.88
C LEU D 60 17.94 14.16 33.97
N ASP D 61 17.84 13.18 34.86
CA ASP D 61 18.79 13.03 35.97
C ASP D 61 20.21 12.91 35.45
N ARG D 62 20.39 12.15 34.37
CA ARG D 62 21.71 11.96 33.78
C ARG D 62 22.29 13.27 33.28
N LEU D 63 21.41 14.19 32.87
CA LEU D 63 21.84 15.48 32.37
C LEU D 63 22.02 16.49 33.49
N MET D 64 21.14 16.44 34.49
CA MET D 64 21.18 17.37 35.62
C MET D 64 22.43 17.18 36.47
N GLN D 65 23.23 16.17 36.15
CA GLN D 65 24.49 15.93 36.84
C GLN D 65 25.65 16.50 36.04
N ARG D 66 25.41 16.74 34.75
CA ARG D 66 26.43 17.28 33.86
C ARG D 66 26.82 18.68 34.30
N LYS D 67 28.03 19.10 33.93
CA LYS D 67 28.58 20.37 34.42
C LYS D 67 28.51 21.49 33.37
N ASP D 68 28.69 21.15 32.11
CA ASP D 68 28.75 22.15 31.06
C ASP D 68 27.40 22.80 30.75
N LEU D 69 26.42 22.57 31.63
CA LEU D 69 25.11 23.18 31.48
C LEU D 69 25.11 24.60 32.02
N ASP D 70 24.53 25.53 31.26
CA ASP D 70 24.47 26.92 31.69
C ASP D 70 23.26 27.19 32.58
N ILE D 71 22.95 28.46 32.79
CA ILE D 71 21.86 28.85 33.68
C ILE D 71 20.49 28.46 33.11
N PHE D 72 20.25 28.84 31.86
CA PHE D 72 18.95 28.62 31.23
C PHE D 72 18.67 27.14 31.00
N GLU D 73 19.64 26.42 30.45
CA GLU D 73 19.49 25.00 30.18
C GLU D 73 19.20 24.22 31.44
N GLN D 74 19.92 24.55 32.52
CA GLN D 74 19.76 23.86 33.79
C GLN D 74 18.39 24.14 34.41
N TYR D 75 17.85 25.33 34.14
CA TYR D 75 16.55 25.72 34.68
C TYR D 75 15.41 25.06 33.91
N ASN D 76 15.56 24.98 32.59
CA ASN D 76 14.56 24.34 31.74
C ASN D 76 14.34 22.88 32.10
N LEU D 77 15.44 22.17 32.32
CA LEU D 77 15.38 20.76 32.70
C LEU D 77 14.77 20.59 34.09
N GLU D 78 15.16 21.47 35.01
CA GLU D 78 14.68 21.41 36.38
C GLU D 78 13.16 21.50 36.46
N MET D 79 12.57 22.30 35.57
CA MET D 79 11.12 22.43 35.50
C MET D 79 10.50 21.21 34.83
N ALA D 80 11.16 20.72 33.78
CA ALA D 80 10.68 19.55 33.06
C ALA D 80 10.59 18.34 33.98
N LYS D 81 11.53 18.25 34.92
CA LYS D 81 11.55 17.16 35.89
C LYS D 81 10.42 17.32 36.90
N LYS D 82 10.24 18.55 37.38
CA LYS D 82 9.18 18.85 38.34
C LYS D 82 7.81 18.60 37.74
N SER D 83 7.59 19.15 36.55
CA SER D 83 6.32 18.97 35.84
C SER D 83 6.14 17.53 35.43
N GLY D 84 7.25 16.83 35.18
CA GLY D 84 7.21 15.43 34.83
C GLY D 84 6.79 14.57 35.99
N ASP D 85 7.32 14.88 37.18
CA ASP D 85 6.98 14.14 38.38
C ASP D 85 5.50 14.30 38.70
N ILE D 86 5.02 15.54 38.63
CA ILE D 86 3.62 15.84 38.89
C ILE D 86 2.71 15.14 37.88
N LEU D 87 3.11 15.18 36.61
CA LEU D 87 2.33 14.54 35.55
C LEU D 87 2.20 13.05 35.81
N GLU D 88 3.32 12.39 36.09
CA GLU D 88 3.33 10.97 36.37
C GLU D 88 2.54 10.64 37.63
N ARG D 89 2.67 11.48 38.64
CA ARG D 89 1.94 11.29 39.89
C ARG D 89 0.44 11.32 39.64
N ASP D 90 0.00 12.29 38.83
CA ASP D 90 -1.40 12.42 38.47
C ASP D 90 -1.87 11.22 37.66
N LEU D 91 -0.96 10.65 36.87
CA LEU D 91 -1.28 9.47 36.07
C LEU D 91 -1.57 8.26 36.95
N LYS D 92 -0.67 7.97 37.88
CA LYS D 92 -0.85 6.86 38.80
C LYS D 92 -2.15 7.01 39.58
N LYS D 93 -2.48 8.25 39.90
CA LYS D 93 -3.72 8.55 40.62
C LYS D 93 -4.94 8.27 39.73
N GLU D 94 -4.81 8.62 38.46
CA GLU D 94 -5.87 8.39 37.48
C GLU D 94 -6.08 6.88 37.26
N GLU D 95 -4.98 6.13 37.28
CA GLU D 95 -5.03 4.69 37.10
C GLU D 95 -5.72 4.01 38.28
N ALA D 96 -5.40 4.46 39.49
CA ALA D 96 -5.99 3.91 40.69
C ALA D 96 -7.52 4.05 40.68
N ARG D 97 -7.99 5.21 40.23
CA ARG D 97 -9.42 5.47 40.15
C ARG D 97 -10.10 4.47 39.22
N VAL D 98 -9.39 4.09 38.16
CA VAL D 98 -9.92 3.14 37.19
C VAL D 98 -10.07 1.74 37.80
N LYS D 99 -9.02 1.27 38.45
CA LYS D 99 -9.04 -0.06 39.08
C LYS D 99 -10.11 -0.13 40.17
N LYS D 100 -10.37 1.00 40.81
CA LYS D 100 -11.36 1.07 41.89
C LYS D 100 -12.77 0.75 41.38
N ILE D 101 -13.01 1.00 40.10
CA ILE D 101 -14.31 0.73 39.50
C ILE D 101 -14.50 -0.76 39.28
N GLU D 102 -15.00 -1.45 40.29
CA GLU D 102 -15.21 -2.89 40.23
C GLU D 102 -16.24 -3.24 39.15
N VAL D 103 -16.01 -4.37 38.48
CA VAL D 103 -16.90 -4.83 37.43
C VAL D 103 -17.56 -6.15 37.80
CA ASN E 3 3.44 -3.33 -32.82
C ASN E 3 2.70 -4.64 -33.09
N SER E 4 2.90 -5.18 -34.29
CA SER E 4 2.26 -6.44 -34.67
C SER E 4 2.81 -7.61 -33.88
N LEU E 5 4.08 -7.52 -33.50
CA LEU E 5 4.74 -8.56 -32.72
C LEU E 5 4.00 -8.80 -31.41
N MET E 6 3.47 -7.74 -30.83
CA MET E 6 2.71 -7.83 -29.59
C MET E 6 1.27 -8.25 -29.87
N GLU E 7 0.70 -7.71 -30.94
CA GLU E 7 -0.67 -8.02 -31.32
C GLU E 7 -0.84 -9.52 -31.55
N ARG E 8 0.20 -10.15 -32.09
CA ARG E 8 0.18 -11.59 -32.33
C ARG E 8 -0.05 -12.35 -31.04
N ILE E 9 0.69 -11.98 -29.99
CA ILE E 9 0.55 -12.61 -28.69
C ILE E 9 -0.84 -12.39 -28.13
N HIS E 10 -1.34 -11.16 -28.26
CA HIS E 10 -2.66 -10.81 -27.75
C HIS E 10 -3.75 -11.71 -28.35
N GLU E 11 -3.70 -11.89 -29.66
CA GLU E 11 -4.68 -12.73 -30.35
C GLU E 11 -4.62 -14.16 -29.84
N GLN E 12 -3.42 -14.64 -29.56
CA GLN E 12 -3.23 -15.99 -29.05
C GLN E 12 -3.83 -16.14 -27.66
N ILE E 13 -3.65 -15.11 -26.84
CA ILE E 13 -4.18 -15.10 -25.48
C ILE E 13 -5.70 -15.05 -25.49
N LYS E 14 -6.24 -14.24 -26.41
CA LYS E 14 -7.70 -14.10 -26.53
C LYS E 14 -8.35 -15.44 -26.80
N LYS E 15 -7.65 -16.30 -27.55
CA LYS E 15 -8.16 -17.64 -27.85
C LYS E 15 -8.37 -18.44 -26.58
N GLY E 16 -7.37 -18.42 -25.69
CA GLY E 16 -7.45 -19.13 -24.43
C GLY E 16 -8.64 -18.66 -23.61
N GLU E 17 -8.92 -17.37 -23.67
CA GLU E 17 -10.05 -16.79 -22.96
C GLU E 17 -11.36 -17.34 -23.53
N LEU E 18 -11.45 -17.38 -24.86
CA LEU E 18 -12.64 -17.90 -25.53
C LEU E 18 -12.77 -19.41 -25.30
N ALA E 19 -11.63 -20.08 -25.09
CA ALA E 19 -11.63 -21.50 -24.80
C ALA E 19 -12.32 -21.77 -23.47
N LEU E 20 -12.17 -20.83 -22.54
CA LEU E 20 -12.83 -20.93 -21.24
C LEU E 20 -14.33 -20.73 -21.38
N PHE E 21 -14.70 -19.70 -22.14
CA PHE E 21 -16.11 -19.45 -22.43
C PHE E 21 -16.77 -20.68 -23.05
N TYR E 22 -16.04 -21.32 -23.96
CA TYR E 22 -16.55 -22.52 -24.62
C TYR E 22 -16.73 -23.64 -23.61
N LEU E 23 -15.74 -23.84 -22.74
CA LEU E 23 -15.83 -24.84 -21.70
C LEU E 23 -17.04 -24.59 -20.81
N GLN E 24 -17.29 -23.31 -20.51
CA GLN E 24 -18.44 -22.93 -19.71
C GLN E 24 -19.73 -23.29 -20.43
N GLU E 25 -19.71 -23.19 -21.76
CA GLU E 25 -20.87 -23.54 -22.56
C GLU E 25 -21.07 -25.05 -22.58
N GLN E 26 -19.96 -25.79 -22.63
CA GLN E 26 -20.01 -27.25 -22.60
C GLN E 26 -20.66 -27.72 -21.31
N ILE E 27 -20.26 -27.10 -20.20
CA ILE E 27 -20.82 -27.43 -18.89
C ILE E 27 -22.32 -27.15 -18.86
N ASN E 28 -22.72 -26.01 -19.39
CA ASN E 28 -24.13 -25.65 -19.46
C ASN E 28 -24.94 -26.67 -20.24
N HIS E 29 -24.42 -27.07 -21.40
CA HIS E 29 -25.08 -28.07 -22.23
C HIS E 29 -25.09 -29.42 -21.53
N PHE E 30 -24.05 -29.69 -20.74
CA PHE E 30 -23.95 -30.94 -20.00
C PHE E 30 -25.06 -31.04 -18.95
N GLU E 31 -25.21 -30.00 -18.14
CA GLU E 31 -26.22 -29.97 -17.10
C GLU E 31 -27.62 -30.25 -17.68
N GLU E 32 -27.90 -29.65 -18.84
CA GLU E 32 -29.18 -29.84 -19.50
C GLU E 32 -29.43 -31.32 -19.77
N LYS E 33 -28.59 -31.91 -20.62
CA LYS E 33 -28.69 -33.33 -20.92
C LYS E 33 -27.40 -34.06 -20.54
N PRO E 34 -27.29 -34.45 -19.27
CA PRO E 34 -26.10 -35.12 -18.72
C PRO E 34 -25.75 -36.39 -19.48
N THR E 35 -24.51 -36.47 -19.97
CA THR E 35 -24.03 -37.67 -20.65
C THR E 35 -22.62 -38.00 -20.18
N LYS E 36 -22.42 -39.25 -19.75
CA LYS E 36 -21.12 -39.69 -19.23
C LYS E 36 -20.00 -39.37 -20.22
N GLU E 37 -20.31 -39.42 -21.51
CA GLU E 37 -19.34 -39.16 -22.55
C GLU E 37 -18.88 -37.70 -22.52
N MET E 38 -19.82 -36.80 -22.26
CA MET E 38 -19.52 -35.37 -22.21
C MET E 38 -18.72 -35.03 -20.96
N LYS E 39 -19.05 -35.69 -19.85
CA LYS E 39 -18.30 -35.49 -18.60
C LYS E 39 -16.83 -35.84 -18.79
N ASP E 40 -16.59 -36.98 -19.44
CA ASP E 40 -15.23 -37.42 -19.71
C ASP E 40 -14.47 -36.37 -20.50
N LYS E 41 -15.18 -35.67 -21.37
CA LYS E 41 -14.57 -34.62 -22.18
C LYS E 41 -14.26 -33.39 -21.33
N ILE E 42 -15.28 -32.87 -20.66
CA ILE E 42 -15.12 -31.68 -19.83
C ILE E 42 -14.03 -31.85 -18.78
N VAL E 43 -14.13 -32.92 -17.99
CA VAL E 43 -13.16 -33.20 -16.95
C VAL E 43 -11.74 -33.23 -17.50
N ALA E 44 -11.55 -33.95 -18.60
CA ALA E 44 -10.24 -34.05 -19.22
C ALA E 44 -9.71 -32.67 -19.59
N GLU E 45 -10.56 -31.85 -20.20
CA GLU E 45 -10.18 -30.50 -20.58
C GLU E 45 -9.80 -29.66 -19.37
N MET E 46 -10.54 -29.82 -18.29
CA MET E 46 -10.28 -29.07 -17.06
C MET E 46 -8.95 -29.51 -16.44
N ASP E 47 -8.67 -30.81 -16.51
CA ASP E 47 -7.40 -31.33 -16.03
C ASP E 47 -6.26 -30.83 -16.92
N THR E 48 -6.57 -30.58 -18.18
CA THR E 48 -5.59 -30.09 -19.15
C THR E 48 -5.15 -28.67 -18.79
N ILE E 49 -6.13 -27.80 -18.57
CA ILE E 49 -5.84 -26.41 -18.22
C ILE E 49 -5.07 -26.34 -16.91
N ILE E 50 -5.46 -27.17 -15.95
CA ILE E 50 -4.79 -27.23 -14.66
C ILE E 50 -3.35 -27.71 -14.82
N ALA E 51 -3.14 -28.65 -15.74
CA ALA E 51 -1.81 -29.18 -15.99
C ALA E 51 -0.85 -28.08 -16.42
N MET E 52 -1.31 -27.23 -17.33
CA MET E 52 -0.51 -26.12 -17.82
C MET E 52 -0.15 -25.15 -16.69
N ILE E 53 -1.16 -24.70 -15.97
CA ILE E 53 -0.97 -23.75 -14.88
C ILE E 53 0.07 -24.24 -13.87
N ASP E 54 0.04 -25.54 -13.60
CA ASP E 54 1.00 -26.14 -12.67
C ASP E 54 2.43 -25.84 -13.06
N GLY E 55 2.80 -26.24 -14.27
CA GLY E 55 4.15 -26.02 -14.78
C GLY E 55 4.47 -24.54 -14.93
N VAL E 56 3.47 -23.75 -15.30
CA VAL E 56 3.63 -22.32 -15.49
C VAL E 56 4.00 -21.63 -14.17
N ARG E 57 3.29 -21.97 -13.10
CA ARG E 57 3.56 -21.38 -11.79
C ARG E 57 5.02 -21.58 -11.39
N GLY E 58 5.54 -22.78 -11.64
CA GLY E 58 6.92 -23.09 -11.34
C GLY E 58 7.86 -22.16 -12.07
N VAL E 59 7.65 -21.99 -13.37
CA VAL E 59 8.47 -21.12 -14.19
C VAL E 59 8.47 -19.69 -13.65
N LEU E 60 7.34 -19.27 -13.09
CA LEU E 60 7.22 -17.93 -12.53
C LEU E 60 7.98 -17.81 -11.21
N ASP E 61 7.81 -18.81 -10.35
CA ASP E 61 8.49 -18.82 -9.05
C ASP E 61 10.01 -18.73 -9.21
N ARG E 62 10.50 -19.27 -10.32
CA ARG E 62 11.94 -19.24 -10.60
C ARG E 62 12.37 -17.85 -11.04
N LEU E 63 11.61 -17.27 -11.97
CA LEU E 63 11.94 -15.95 -12.51
C LEU E 63 11.88 -14.87 -11.43
N MET E 64 11.04 -15.09 -10.43
CA MET E 64 10.86 -14.12 -9.36
C MET E 64 12.03 -14.14 -8.37
N GLN E 65 12.79 -15.22 -8.39
CA GLN E 65 13.94 -15.36 -7.50
C GLN E 65 15.17 -14.64 -8.04
N ARG E 66 14.96 -13.70 -8.94
CA ARG E 66 16.04 -12.91 -9.50
C ARG E 66 16.27 -11.63 -8.71
N LYS E 67 17.34 -10.92 -9.02
CA LYS E 67 17.66 -9.67 -8.33
C LYS E 67 17.52 -8.47 -9.26
N ASP E 68 17.34 -8.75 -10.55
CA ASP E 68 17.19 -7.70 -11.55
C ASP E 68 15.80 -7.06 -11.49
N LEU E 69 14.80 -7.88 -11.21
CA LEU E 69 13.41 -7.42 -11.17
C LEU E 69 13.25 -6.14 -10.36
N ASP E 70 12.70 -5.12 -11.00
CA ASP E 70 12.42 -3.86 -10.32
C ASP E 70 11.00 -3.87 -9.74
N ILE E 71 10.61 -2.76 -9.13
CA ILE E 71 9.30 -2.65 -8.49
C ILE E 71 8.16 -2.93 -9.47
N PHE E 72 8.38 -2.59 -10.73
CA PHE E 72 7.35 -2.76 -11.75
C PHE E 72 7.30 -4.20 -12.26
N GLU E 73 8.47 -4.75 -12.58
CA GLU E 73 8.58 -6.12 -13.07
C GLU E 73 8.10 -7.12 -12.02
N GLN E 74 8.48 -6.88 -10.77
CA GLN E 74 8.06 -7.74 -9.67
C GLN E 74 6.55 -7.80 -9.58
N TYR E 75 5.91 -6.66 -9.74
CA TYR E 75 4.45 -6.56 -9.66
C TYR E 75 3.78 -7.47 -10.68
N ASN E 76 4.15 -7.33 -11.95
CA ASN E 76 3.58 -8.12 -13.03
C ASN E 76 3.64 -9.61 -12.74
N LEU E 77 4.80 -10.07 -12.27
CA LEU E 77 5.00 -11.48 -11.97
C LEU E 77 4.09 -11.93 -10.83
N GLU E 78 3.94 -11.10 -9.81
CA GLU E 78 3.06 -11.41 -8.70
C GLU E 78 1.61 -11.50 -9.16
N MET E 79 1.24 -10.63 -10.10
CA MET E 79 -0.12 -10.62 -10.64
C MET E 79 -0.40 -11.87 -11.47
N ALA E 80 0.57 -12.26 -12.28
CA ALA E 80 0.42 -13.45 -13.12
C ALA E 80 0.35 -14.70 -12.26
N LYS E 81 1.16 -14.73 -11.20
CA LYS E 81 1.17 -15.87 -10.28
C LYS E 81 -0.15 -15.98 -9.54
N LYS E 82 -0.70 -14.84 -9.13
CA LYS E 82 -1.97 -14.80 -8.43
C LYS E 82 -3.13 -15.16 -9.35
N SER E 83 -3.07 -14.67 -10.59
CA SER E 83 -4.10 -14.95 -11.58
C SER E 83 -4.24 -16.46 -11.79
N GLY E 84 -3.10 -17.13 -11.95
CA GLY E 84 -3.08 -18.56 -12.14
C GLY E 84 -3.68 -19.28 -10.94
N ASP E 85 -3.38 -18.78 -9.74
CA ASP E 85 -3.94 -19.34 -8.53
C ASP E 85 -5.46 -19.23 -8.51
N ILE E 86 -5.96 -18.02 -8.77
CA ILE E 86 -7.39 -17.78 -8.80
C ILE E 86 -8.10 -18.71 -9.79
N LEU E 87 -7.53 -18.81 -11.00
CA LEU E 87 -8.13 -19.63 -12.04
C LEU E 87 -8.13 -21.12 -11.68
N GLU E 88 -6.97 -21.62 -11.28
CA GLU E 88 -6.82 -23.04 -10.95
C GLU E 88 -7.75 -23.45 -9.81
N ARG E 89 -7.94 -22.55 -8.84
CA ARG E 89 -8.84 -22.81 -7.73
C ARG E 89 -10.29 -22.89 -8.20
N ASP E 90 -10.68 -21.94 -9.04
CA ASP E 90 -12.04 -21.88 -9.55
C ASP E 90 -12.32 -22.99 -10.55
N LEU E 91 -11.26 -23.62 -11.06
CA LEU E 91 -11.40 -24.73 -11.99
C LEU E 91 -11.65 -26.04 -11.22
N LYS E 92 -10.78 -26.33 -10.27
CA LYS E 92 -10.92 -27.54 -9.46
C LYS E 92 -12.22 -27.54 -8.68
N LYS E 93 -12.68 -26.35 -8.30
CA LYS E 93 -13.95 -26.21 -7.59
C LYS E 93 -15.11 -26.52 -8.52
N GLU E 94 -15.03 -26.00 -9.74
CA GLU E 94 -16.05 -26.22 -10.75
C GLU E 94 -16.03 -27.66 -11.23
N GLU E 95 -14.82 -28.18 -11.47
CA GLU E 95 -14.65 -29.55 -11.94
C GLU E 95 -15.25 -30.55 -10.96
N ALA E 96 -14.99 -30.33 -9.68
CA ALA E 96 -15.50 -31.21 -8.63
C ALA E 96 -17.03 -31.25 -8.66
N ARG E 97 -17.64 -30.12 -8.99
CA ARG E 97 -19.09 -30.02 -9.05
C ARG E 97 -19.64 -30.85 -10.21
N VAL E 98 -18.95 -30.81 -11.34
CA VAL E 98 -19.37 -31.57 -12.52
C VAL E 98 -19.40 -33.06 -12.23
N LYS E 99 -18.37 -33.54 -11.52
CA LYS E 99 -18.28 -34.95 -11.14
C LYS E 99 -19.44 -35.34 -10.25
N LYS E 100 -19.87 -34.42 -9.39
CA LYS E 100 -20.95 -34.68 -8.45
C LYS E 100 -22.29 -34.79 -9.18
N ILE E 101 -22.36 -34.27 -10.40
CA ILE E 101 -23.57 -34.32 -11.20
C ILE E 101 -23.83 -35.74 -11.69
N GLU E 102 -24.96 -36.30 -11.30
CA GLU E 102 -25.34 -37.65 -11.72
C GLU E 102 -25.96 -37.65 -13.11
CA SER F 4 -18.32 -13.80 -11.73
C SER F 4 -16.82 -14.03 -11.85
N LEU F 5 -16.44 -15.08 -12.56
CA LEU F 5 -15.03 -15.41 -12.77
C LEU F 5 -14.51 -14.86 -14.08
N MET F 6 -15.28 -15.05 -15.15
CA MET F 6 -14.88 -14.61 -16.48
C MET F 6 -14.60 -13.11 -16.50
N GLU F 7 -15.31 -12.37 -15.66
CA GLU F 7 -15.12 -10.93 -15.55
C GLU F 7 -13.75 -10.61 -14.96
N ARG F 8 -13.26 -11.51 -14.11
CA ARG F 8 -11.95 -11.34 -13.49
C ARG F 8 -10.84 -11.84 -14.41
N ILE F 9 -11.14 -12.89 -15.17
CA ILE F 9 -10.17 -13.45 -16.11
C ILE F 9 -9.83 -12.43 -17.19
N HIS F 10 -10.84 -11.72 -17.68
CA HIS F 10 -10.66 -10.69 -18.69
C HIS F 10 -9.84 -9.53 -18.13
N GLU F 11 -10.12 -9.17 -16.89
CA GLU F 11 -9.40 -8.09 -16.22
C GLU F 11 -7.94 -8.45 -16.00
N GLN F 12 -7.71 -9.69 -15.59
CA GLN F 12 -6.35 -10.17 -15.34
C GLN F 12 -5.57 -10.27 -16.66
N ILE F 13 -6.26 -10.68 -17.72
CA ILE F 13 -5.63 -10.81 -19.03
C ILE F 13 -5.18 -9.45 -19.56
N LYS F 14 -5.99 -8.43 -19.30
CA LYS F 14 -5.66 -7.08 -19.74
C LYS F 14 -4.36 -6.59 -19.11
N LYS F 15 -4.15 -6.96 -17.86
CA LYS F 15 -2.93 -6.60 -17.15
C LYS F 15 -1.72 -7.28 -17.79
N GLY F 16 -1.93 -8.50 -18.25
CA GLY F 16 -0.87 -9.25 -18.92
C GLY F 16 -0.42 -8.56 -20.18
N GLU F 17 -1.34 -7.84 -20.82
CA GLU F 17 -1.02 -7.08 -22.02
C GLU F 17 -0.15 -5.89 -21.69
N LEU F 18 -0.56 -5.13 -20.66
CA LEU F 18 0.20 -3.96 -20.22
C LEU F 18 1.62 -4.35 -19.82
N ALA F 19 1.77 -5.57 -19.31
CA ALA F 19 3.07 -6.07 -18.92
C ALA F 19 3.99 -6.24 -20.12
N LEU F 20 3.40 -6.70 -21.23
CA LEU F 20 4.15 -6.92 -22.46
C LEU F 20 4.60 -5.60 -23.07
N PHE F 21 3.74 -4.59 -23.00
N PHE F 21 3.75 -4.58 -22.99
CA PHE F 21 4.08 -3.27 -23.53
CA PHE F 21 4.08 -3.27 -23.52
C PHE F 21 5.25 -2.64 -22.77
C PHE F 21 5.25 -2.66 -22.77
N TYR F 22 5.36 -3.00 -21.49
CA TYR F 22 6.46 -2.51 -20.67
C TYR F 22 7.77 -3.18 -21.08
N LEU F 23 7.70 -4.49 -21.29
CA LEU F 23 8.85 -5.25 -21.75
C LEU F 23 9.38 -4.68 -23.07
N GLN F 24 8.46 -4.32 -23.95
CA GLN F 24 8.81 -3.74 -25.23
C GLN F 24 9.57 -2.42 -25.06
N GLU F 25 9.13 -1.62 -24.10
N GLU F 25 9.12 -1.62 -24.10
CA GLU F 25 9.76 -0.32 -23.85
CA GLU F 25 9.74 -0.33 -23.83
C GLU F 25 11.14 -0.46 -23.22
C GLU F 25 11.15 -0.50 -23.30
N GLN F 26 11.37 -1.55 -22.50
CA GLN F 26 12.68 -1.83 -21.95
C GLN F 26 13.61 -2.36 -23.03
N ILE F 27 13.03 -2.96 -24.06
CA ILE F 27 13.78 -3.38 -25.23
C ILE F 27 14.16 -2.14 -26.05
N ASN F 28 13.22 -1.21 -26.15
CA ASN F 28 13.46 0.07 -26.82
C ASN F 28 14.54 0.85 -26.08
N HIS F 29 14.47 0.85 -24.76
CA HIS F 29 15.46 1.52 -23.92
C HIS F 29 16.80 0.82 -24.03
N PHE F 30 16.76 -0.50 -24.22
CA PHE F 30 17.98 -1.29 -24.34
C PHE F 30 18.70 -0.99 -25.65
N GLU F 31 17.93 -0.71 -26.70
CA GLU F 31 18.52 -0.34 -27.99
C GLU F 31 19.26 0.98 -27.87
N GLU F 32 18.87 1.77 -26.86
CA GLU F 32 19.52 3.05 -26.61
C GLU F 32 20.82 2.87 -25.83
N LYS F 33 20.73 2.16 -24.71
CA LYS F 33 21.90 1.90 -23.88
C LYS F 33 22.09 0.40 -23.63
N PRO F 34 22.61 -0.32 -24.64
CA PRO F 34 22.85 -1.76 -24.54
C PRO F 34 23.81 -2.09 -23.40
N THR F 35 23.29 -2.69 -22.33
CA THR F 35 24.10 -3.05 -21.18
C THR F 35 23.96 -4.52 -20.83
N LYS F 36 24.95 -5.07 -20.15
CA LYS F 36 24.95 -6.48 -19.78
C LYS F 36 23.84 -6.80 -18.78
N GLU F 37 23.55 -5.85 -17.90
CA GLU F 37 22.52 -6.05 -16.88
C GLU F 37 21.14 -6.19 -17.49
N MET F 38 20.72 -5.18 -18.25
CA MET F 38 19.41 -5.18 -18.87
C MET F 38 19.24 -6.36 -19.83
N LYS F 39 20.30 -6.64 -20.61
CA LYS F 39 20.27 -7.74 -21.56
C LYS F 39 19.99 -9.06 -20.84
N ASP F 40 20.63 -9.24 -19.69
CA ASP F 40 20.44 -10.46 -18.90
C ASP F 40 19.00 -10.59 -18.44
N LYS F 41 18.41 -9.46 -18.04
CA LYS F 41 17.02 -9.45 -17.58
C LYS F 41 16.06 -9.76 -18.72
N ILE F 42 16.18 -9.01 -19.81
CA ILE F 42 15.33 -9.21 -20.98
C ILE F 42 15.35 -10.66 -21.44
N VAL F 43 16.54 -11.20 -21.68
CA VAL F 43 16.69 -12.58 -22.11
C VAL F 43 16.02 -13.54 -21.13
N ALA F 44 16.22 -13.30 -19.84
CA ALA F 44 15.63 -14.13 -18.80
C ALA F 44 14.10 -14.09 -18.86
N GLU F 45 13.57 -12.94 -19.25
CA GLU F 45 12.12 -12.77 -19.34
C GLU F 45 11.58 -13.34 -20.65
N MET F 46 12.37 -13.24 -21.72
CA MET F 46 11.98 -13.80 -23.01
C MET F 46 11.91 -15.32 -22.90
N ASP F 47 12.86 -15.90 -22.17
CA ASP F 47 12.89 -17.33 -21.93
C ASP F 47 11.58 -17.78 -21.29
N THR F 48 11.20 -17.09 -20.20
CA THR F 48 10.00 -17.42 -19.46
C THR F 48 8.76 -17.40 -20.36
N ILE F 49 8.64 -16.36 -21.18
CA ILE F 49 7.52 -16.23 -22.09
C ILE F 49 7.48 -17.38 -23.10
N ILE F 50 8.61 -17.62 -23.76
CA ILE F 50 8.70 -18.70 -24.72
C ILE F 50 8.37 -20.05 -24.06
N ALA F 51 8.82 -20.22 -22.83
CA ALA F 51 8.56 -21.44 -22.08
C ALA F 51 7.07 -21.63 -21.87
N MET F 52 6.37 -20.55 -21.52
CA MET F 52 4.94 -20.60 -21.31
C MET F 52 4.22 -21.07 -22.58
N ILE F 53 4.69 -20.59 -23.73
CA ILE F 53 4.13 -20.99 -25.01
C ILE F 53 4.46 -22.45 -25.32
N ASP F 54 5.72 -22.80 -25.14
CA ASP F 54 6.18 -24.18 -25.37
C ASP F 54 5.39 -25.16 -24.51
N GLY F 55 4.99 -24.70 -23.33
CA GLY F 55 4.19 -25.51 -22.42
C GLY F 55 2.78 -25.71 -22.94
N VAL F 56 2.14 -24.61 -23.32
CA VAL F 56 0.80 -24.67 -23.88
C VAL F 56 0.78 -25.51 -25.15
N ARG F 57 1.88 -25.47 -25.89
CA ARG F 57 2.03 -26.25 -27.11
C ARG F 57 1.90 -27.74 -26.81
N GLY F 58 2.45 -28.17 -25.68
CA GLY F 58 2.40 -29.56 -25.27
C GLY F 58 1.01 -29.96 -24.81
N VAL F 59 0.26 -29.01 -24.27
CA VAL F 59 -1.09 -29.28 -23.80
C VAL F 59 -2.03 -29.54 -24.96
N LEU F 60 -1.86 -28.79 -26.04
CA LEU F 60 -2.69 -28.94 -27.24
C LEU F 60 -2.60 -30.36 -27.78
N ASP F 61 -1.37 -30.87 -27.89
CA ASP F 61 -1.13 -32.19 -28.46
C ASP F 61 -1.88 -33.29 -27.70
N ARG F 62 -1.94 -33.17 -26.38
CA ARG F 62 -2.61 -34.16 -25.55
C ARG F 62 -4.12 -34.20 -25.84
N LEU F 63 -4.67 -33.05 -26.21
CA LEU F 63 -6.10 -32.96 -26.53
C LEU F 63 -6.39 -33.42 -27.95
N MET F 64 -5.42 -33.19 -28.84
CA MET F 64 -5.58 -33.53 -30.25
C MET F 64 -5.37 -35.02 -30.50
N GLN F 65 -5.74 -35.84 -29.53
CA GLN F 65 -5.58 -37.29 -29.64
C GLN F 65 -6.85 -38.03 -29.23
N ARG F 66 -7.77 -37.32 -28.60
CA ARG F 66 -9.03 -37.92 -28.16
C ARG F 66 -9.92 -38.27 -29.35
N LYS F 67 -11.03 -38.95 -29.08
CA LYS F 67 -11.95 -39.37 -30.13
C LYS F 67 -13.20 -38.49 -30.18
N ASP F 68 -13.63 -38.01 -29.01
CA ASP F 68 -14.81 -37.16 -28.92
C ASP F 68 -14.51 -35.71 -29.28
N LEU F 69 -14.01 -35.50 -30.50
CA LEU F 69 -13.68 -34.16 -30.98
C LEU F 69 -14.32 -33.93 -32.34
N ASP F 70 -15.38 -33.13 -32.37
CA ASP F 70 -16.05 -32.82 -33.63
C ASP F 70 -15.13 -32.03 -34.55
N ILE F 71 -15.47 -31.99 -35.83
CA ILE F 71 -14.63 -31.36 -36.84
C ILE F 71 -14.26 -29.92 -36.47
N PHE F 72 -15.19 -29.24 -35.80
CA PHE F 72 -14.99 -27.83 -35.45
C PHE F 72 -13.96 -27.66 -34.33
N GLU F 73 -14.03 -28.53 -33.33
CA GLU F 73 -13.08 -28.50 -32.23
C GLU F 73 -11.68 -28.86 -32.71
N GLN F 74 -11.59 -29.89 -33.55
CA GLN F 74 -10.32 -30.33 -34.10
C GLN F 74 -9.66 -29.21 -34.92
N TYR F 75 -10.45 -28.56 -35.76
CA TYR F 75 -9.95 -27.48 -36.61
C TYR F 75 -9.49 -26.29 -35.77
N ASN F 76 -10.31 -25.88 -34.82
CA ASN F 76 -9.99 -24.75 -33.95
C ASN F 76 -8.68 -24.96 -33.18
N LEU F 77 -8.43 -26.20 -32.78
CA LEU F 77 -7.20 -26.55 -32.07
C LEU F 77 -6.00 -26.56 -33.02
N GLU F 78 -6.17 -27.20 -34.18
CA GLU F 78 -5.11 -27.27 -35.17
C GLU F 78 -4.66 -25.87 -35.58
N MET F 79 -5.62 -24.95 -35.67
CA MET F 79 -5.31 -23.57 -36.00
C MET F 79 -4.53 -22.91 -34.87
N ALA F 80 -4.96 -23.16 -33.64
CA ALA F 80 -4.29 -22.60 -32.47
C ALA F 80 -2.87 -23.14 -32.34
N LYS F 81 -2.67 -24.40 -32.70
CA LYS F 81 -1.35 -25.01 -32.64
C LYS F 81 -0.46 -24.49 -33.76
N LYS F 82 -0.99 -24.46 -34.98
CA LYS F 82 -0.26 -23.94 -36.13
C LYS F 82 0.20 -22.51 -35.86
N SER F 83 -0.74 -21.68 -35.41
CA SER F 83 -0.42 -20.29 -35.07
C SER F 83 0.55 -20.22 -33.91
N GLY F 84 0.40 -21.14 -32.97
CA GLY F 84 1.27 -21.19 -31.81
C GLY F 84 2.73 -21.39 -32.19
N ASP F 85 2.99 -22.39 -33.03
CA ASP F 85 4.34 -22.65 -33.50
C ASP F 85 4.92 -21.44 -34.23
N ILE F 86 4.07 -20.74 -34.97
CA ILE F 86 4.49 -19.54 -35.70
C ILE F 86 4.92 -18.45 -34.73
N LEU F 87 4.07 -18.17 -33.74
CA LEU F 87 4.37 -17.15 -32.76
C LEU F 87 5.64 -17.45 -31.99
N GLU F 88 5.76 -18.70 -31.52
CA GLU F 88 6.92 -19.12 -30.75
C GLU F 88 8.19 -19.06 -31.60
N ARG F 89 8.05 -19.37 -32.89
CA ARG F 89 9.20 -19.33 -33.80
C ARG F 89 9.64 -17.88 -34.03
N ASP F 90 8.69 -16.97 -34.01
CA ASP F 90 8.98 -15.54 -34.18
C ASP F 90 9.70 -14.99 -32.95
N LEU F 91 9.26 -15.41 -31.77
CA LEU F 91 9.87 -14.96 -30.53
C LEU F 91 11.29 -15.48 -30.37
N LYS F 92 11.48 -16.77 -30.67
CA LYS F 92 12.80 -17.38 -30.59
C LYS F 92 13.81 -16.63 -31.45
N LYS F 93 13.39 -16.27 -32.66
CA LYS F 93 14.24 -15.53 -33.57
C LYS F 93 14.47 -14.11 -33.07
N GLU F 94 13.50 -13.58 -32.33
CA GLU F 94 13.61 -12.23 -31.78
C GLU F 94 14.59 -12.19 -30.61
N GLU F 95 14.63 -13.27 -29.83
CA GLU F 95 15.54 -13.36 -28.70
C GLU F 95 16.99 -13.45 -29.15
N ALA F 96 17.21 -14.25 -30.20
CA ALA F 96 18.55 -14.40 -30.74
C ALA F 96 19.12 -13.07 -31.21
N ARG F 97 18.24 -12.22 -31.76
CA ARG F 97 18.65 -10.90 -32.21
C ARG F 97 19.04 -10.03 -31.03
N VAL F 98 18.50 -10.35 -29.86
CA VAL F 98 18.82 -9.61 -28.65
C VAL F 98 20.09 -10.15 -28.01
N LYS F 99 20.21 -11.47 -27.94
CA LYS F 99 21.39 -12.11 -27.37
C LYS F 99 22.62 -11.86 -28.23
N LYS F 100 22.40 -11.32 -29.42
CA LYS F 100 23.49 -11.02 -30.34
C LYS F 100 23.72 -9.51 -30.46
N ILE F 101 23.96 -8.85 -29.34
CA ILE F 101 24.22 -7.42 -29.32
C ILE F 101 25.36 -7.09 -28.36
N GLU F 102 26.19 -6.13 -28.74
CA GLU F 102 27.34 -5.74 -27.93
C GLU F 102 27.07 -4.47 -27.13
N VAL F 103 27.94 -4.19 -26.17
CA VAL F 103 27.81 -3.00 -25.33
C VAL F 103 28.83 -1.93 -25.72
C1 MPD G . -29.77 -2.10 -3.93
C2 MPD G . -30.31 -1.40 -2.69
O2 MPD G . -29.58 -0.17 -2.48
CM MPD G . -31.79 -1.07 -2.85
C3 MPD G . -30.12 -2.30 -1.47
C4 MPD G . -28.65 -2.65 -1.25
O4 MPD G . -27.92 -1.48 -0.94
C5 MPD G . -28.49 -3.65 -0.11
C1 MRD H . -12.37 5.49 0.06
C1 MRD H . -10.76 3.39 -2.21
C2 MRD H . -11.43 4.77 1.01
C2 MRD H . -10.45 2.88 -3.62
O2 MRD H . -10.30 5.63 1.30
O2 MRD H . -9.07 2.46 -3.67
CM MRD H . -12.15 4.45 2.32
CM MRD H . -11.34 1.71 -3.97
C3 MRD H . -10.90 3.48 0.38
C3 MRD H . -10.65 4.01 -4.64
C4 MRD H . -10.15 3.76 -0.92
C4 MRD H . -12.07 4.53 -4.65
O4 MRD H . -11.07 3.76 -2.01
O4 MRD H . -12.54 4.58 -5.97
C5 MRD H . -9.07 2.73 -1.16
C5 MRD H . -12.14 5.94 -4.05
C1 MPD I . -15.41 -1.28 18.58
C2 MPD I . -13.92 -1.14 18.85
O2 MPD I . -13.22 -1.14 17.59
CM MPD I . -13.64 0.17 19.58
C3 MPD I . -13.44 -2.32 19.69
C4 MPD I . -13.58 -3.63 18.91
O4 MPD I . -12.46 -3.80 18.08
C5 MPD I . -13.73 -4.82 19.85
C1 MPD J . -22.32 -9.53 3.14
C2 MPD J . -23.09 -8.21 3.21
O2 MPD J . -23.18 -7.82 4.59
CM MPD J . -22.35 -7.12 2.45
C3 MPD J . -24.52 -8.36 2.67
C4 MPD J . -25.46 -9.05 3.64
O4 MPD J . -26.79 -8.79 3.25
C5 MPD J . -25.27 -10.56 3.69
C1 MRD K . -20.69 -11.09 -1.67
C2 MRD K . -21.43 -12.03 -2.62
O2 MRD K . -20.73 -13.29 -2.67
CM MRD K . -22.85 -12.28 -2.11
C3 MRD K . -21.48 -11.44 -4.02
C4 MRD K . -20.08 -11.19 -4.59
O4 MRD K . -19.62 -9.92 -4.18
C5 MRD K . -20.08 -11.27 -6.11
C1 MPD L . -5.46 -6.64 8.19
C2 MPD L . -5.75 -6.40 9.66
O2 MPD L . -4.84 -7.20 10.45
CM MPD L . -5.55 -4.93 10.00
C3 MPD L . -7.17 -6.82 10.01
C4 MPD L . -7.40 -8.31 9.81
O4 MPD L . -8.22 -8.81 10.84
C5 MPD L . -8.07 -8.60 8.48
C1 MPD M . -6.08 8.11 -0.69
C1 MPD M . -7.94 8.24 1.80
C2 MPD M . -7.53 8.47 -0.36
C2 MPD M . -7.99 7.36 0.55
O2 MPD M . -8.29 7.25 -0.22
O2 MPD M . -8.68 8.08 -0.50
CM MPD M . -7.60 9.25 0.95
CM MPD M . -6.57 7.03 0.09
C3 MPD M . -8.13 9.30 -1.48
C3 MPD M . -8.75 6.07 0.85
C4 MPD M . -8.18 8.52 -2.79
C4 MPD M . -10.22 6.37 1.12
O4 MPD M . -9.15 7.51 -2.71
O4 MPD M . -10.92 6.42 -0.11
C5 MPD M . -8.50 9.44 -3.97
C5 MPD M . -10.84 5.32 2.03
C1 MPD N . -23.11 10.59 14.05
C2 MPD N . -23.30 10.37 15.53
O2 MPD N . -24.25 11.34 16.05
CM MPD N . -23.86 8.96 15.80
C3 MPD N . -21.98 10.53 16.26
C4 MPD N . -21.39 11.91 16.02
O4 MPD N . -22.23 12.90 16.58
C5 MPD N . -19.99 12.03 16.63
C1 MPD O . -17.09 -3.31 3.39
C2 MPD O . -16.63 -4.19 4.55
O2 MPD O . -15.29 -4.69 4.25
CM MPD O . -16.56 -3.37 5.83
C3 MPD O . -17.58 -5.37 4.73
C4 MPD O . -17.63 -6.25 3.48
O4 MPD O . -16.41 -6.93 3.33
C5 MPD O . -18.76 -7.25 3.57
C1 MRD P . -4.25 7.28 -14.97
C2 MRD P . -4.07 8.16 -13.75
O2 MRD P . -2.74 7.95 -13.22
CM MRD P . -4.23 9.63 -14.12
C3 MRD P . -5.08 7.79 -12.66
C4 MRD P . -4.67 6.56 -11.87
O4 MRD P . -4.18 5.55 -12.72
C5 MRD P . -5.85 6.00 -11.08
C1 MPD Q . -16.35 6.49 18.05
C2 MPD Q . -14.82 6.46 17.97
O2 MPD Q . -14.37 5.12 18.29
CM MPD Q . -14.36 6.83 16.57
C3 MPD Q . -14.23 7.43 19.00
C1 MRD R . 2.32 6.62 -15.69
C2 MRD R . 1.32 6.29 -16.79
O2 MRD R . 0.03 6.85 -16.42
CM MRD R . 1.75 6.89 -18.12
C3 MRD R . 1.14 4.78 -16.93
C4 MRD R . 0.33 4.16 -15.81
O4 MRD R . 0.87 4.46 -14.55
C5 MRD R . 0.27 2.64 -15.98
C1 MPD S . -13.17 10.36 6.45
C2 MPD S . -13.10 9.05 5.70
O2 MPD S . -12.57 8.02 6.57
CM MPD S . -14.51 8.62 5.25
C3 MPD S . -12.20 9.19 4.47
C4 MPD S . -10.77 9.52 4.90
O4 MPD S . -10.12 8.34 5.34
C5 MPD S . -10.00 10.15 3.75
C1 MRD T . -3.55 12.85 -4.39
C2 MRD T . -4.63 11.94 -3.83
O2 MRD T . -5.29 12.61 -2.71
CM MRD T . -5.67 11.65 -4.90
C3 MRD T . -4.02 10.64 -3.34
C4 MRD T . -2.94 10.86 -2.27
O4 MRD T . -2.13 9.73 -2.19
C5 MRD T . -3.56 11.12 -0.90
P PO4 U . -15.07 17.71 -8.69
O1 PO4 U . -14.32 18.82 -8.01
O2 PO4 U . -14.63 16.38 -8.13
O3 PO4 U . -16.55 17.87 -8.44
O4 PO4 U . -14.81 17.75 -10.18
C1 MRD V . -10.34 5.71 13.64
C2 MRD V . -10.00 5.73 12.15
O2 MRD V . -9.95 7.11 11.72
CM MRD V . -8.64 5.09 11.91
C3 MRD V . -11.07 5.01 11.33
C4 MRD V . -12.34 5.84 11.20
O4 MRD V . -12.84 6.22 12.46
C5 MRD V . -13.42 5.06 10.45
C1 MPD W . -2.68 10.27 -7.75
C2 MPD W . -2.19 8.83 -7.62
O2 MPD W . -3.19 7.95 -8.18
CM MPD W . -0.89 8.64 -8.39
C3 MPD W . -1.99 8.48 -6.16
C1 MRD X . -6.08 6.65 -4.93
C1 MRD X . -7.87 5.54 -5.97
C2 MRD X . -6.50 6.05 -6.27
C2 MRD X . -6.85 6.65 -5.84
O2 MRD X . -7.43 6.95 -6.92
O2 MRD X . -5.96 6.34 -4.73
CM MRD X . -5.28 5.86 -7.17
CM MRD X . -6.02 6.77 -7.10
C3 MRD X . -7.21 4.71 -6.06
C3 MRD X . -7.56 7.97 -5.54
C4 MRD X . -8.48 4.90 -5.25
C4 MRD X . -8.23 7.96 -4.18
O4 MRD X . -8.37 4.20 -4.03
O4 MRD X . -9.40 8.75 -4.22
C5 MRD X . -9.69 4.39 -6.02
C5 MRD X . -7.29 8.53 -3.13
C1 MPD Y . -16.75 17.51 15.62
C2 MPD Y . -17.57 18.46 14.75
O2 MPD Y . -17.65 17.91 13.41
CM MPD Y . -18.98 18.61 15.31
C3 MPD Y . -16.89 19.82 14.68
C1 MPD Z . -4.04 -10.59 17.35
C2 MPD Z . -3.38 -9.45 16.58
O2 MPD Z . -4.12 -8.24 16.82
CM MPD Z . -1.95 -9.28 17.06
C3 MPD Z . -3.42 -9.76 15.09
C4 MPD Z . -2.88 -8.61 14.24
O4 MPD Z . -1.47 -8.57 14.32
C5 MPD Z . -3.29 -8.77 12.78
C1 MPD AA . 9.69 14.34 19.31
C2 MPD AA . 9.48 13.47 20.55
O2 MPD AA . 10.74 12.83 20.89
CM MPD AA . 9.04 14.31 21.73
C3 MPD AA . 8.45 12.38 20.27
C4 MPD AA . 8.91 11.46 19.13
O4 MPD AA . 9.04 10.14 19.62
C5 MPD AA . 7.92 11.48 17.97
C1 MRD BA . 0.89 4.48 23.51
C2 MRD BA . -0.24 5.43 23.14
O2 MRD BA . -1.11 5.59 24.28
CM MRD BA . 0.30 6.79 22.74
C3 MRD BA . -1.07 4.86 21.99
C4 MRD BA . -2.01 3.74 22.44
O4 MRD BA . -1.30 2.74 23.14
C5 MRD BA . -2.71 3.10 21.24
C1 MRD CA . -0.07 22.18 17.57
C2 MRD CA . -0.03 22.92 18.90
O2 MRD CA . 0.17 21.95 19.95
CM MRD CA . 1.12 23.91 18.91
C3 MRD CA . -1.35 23.64 19.16
C4 MRD CA . -2.48 22.68 19.54
O4 MRD CA . -2.70 21.74 18.52
C5 MRD CA . -3.78 23.45 19.80
C1 MRD DA . 5.87 12.70 27.21
C2 MRD DA . 5.98 11.18 27.07
O2 MRD DA . 7.01 10.72 27.97
CM MRD DA . 4.67 10.52 27.42
C3 MRD DA . 6.39 10.81 25.65
C4 MRD DA . 7.72 11.45 25.27
O4 MRD DA . 7.50 12.56 24.44
C5 MRD DA . 8.64 10.45 24.57
C1 MRD EA . 2.09 -15.75 17.94
C2 MRD EA . 0.71 -16.34 18.18
O2 MRD EA . 0.33 -17.10 16.99
CM MRD EA . 0.74 -17.29 19.36
C3 MRD EA . -0.32 -15.24 18.40
C4 MRD EA . -0.52 -14.37 17.17
O4 MRD EA . 0.58 -13.50 16.99
C5 MRD EA . -1.80 -13.55 17.28
C1 MPD FA . 19.44 20.64 25.55
C2 MPD FA . 18.69 19.40 25.07
O2 MPD FA . 18.54 19.48 23.63
CM MPD FA . 19.47 18.14 25.42
C3 MPD FA . 17.31 19.35 25.71
C1 MPD GA . 17.04 16.26 13.87
C2 MPD GA . 18.47 16.78 13.87
O2 MPD GA . 18.43 18.22 13.71
CM MPD GA . 19.15 16.46 15.20
C3 MPD GA . 19.29 16.20 12.72
C4 MPD GA . 19.02 16.89 11.38
O4 MPD GA . 20.03 16.52 10.46
C5 MPD GA . 17.67 16.51 10.78
C1 MPD HA . -5.06 11.44 29.25
C2 MPD HA . -4.65 9.98 29.41
O2 MPD HA . -5.83 9.17 29.57
CM MPD HA . -3.88 9.52 28.19
C3 MPD HA . -3.78 9.82 30.66
C1 MPD IA . 16.03 24.23 26.38
C2 MPD IA . 14.62 24.09 25.80
O2 MPD IA . 13.82 25.21 26.23
CM MPD IA . 14.68 24.09 24.27
C3 MPD IA . 13.98 22.80 26.29
C1 MRD JA . 6.95 -10.78 -19.03
C2 MRD JA . 6.81 -10.66 -17.52
O2 MRD JA . 7.21 -11.92 -16.92
CM MRD JA . 7.69 -9.55 -16.98
C3 MRD JA . 5.34 -10.39 -17.15
C4 MRD JA . 4.44 -11.55 -17.56
O4 MRD JA . 3.20 -11.06 -17.99
C5 MRD JA . 4.22 -12.50 -16.39
C1 MRD KA . -11.98 -26.35 -27.65
C2 MRD KA . -11.69 -27.54 -26.74
O2 MRD KA . -12.89 -27.83 -25.98
CM MRD KA . -11.33 -28.76 -27.57
C3 MRD KA . -10.58 -27.23 -25.76
C4 MRD KA . -11.03 -26.32 -24.62
O4 MRD KA . -11.68 -25.17 -25.10
C5 MRD KA . -9.83 -25.89 -23.78
C1 MRD LA . -6.02 -24.28 -25.69
C2 MRD LA . -6.06 -22.79 -25.41
O2 MRD LA . -4.71 -22.26 -25.44
CM MRD LA . -6.88 -22.07 -26.48
C3 MRD LA . -6.66 -22.53 -24.03
C1 MRD MA . -5.94 -16.93 -20.35
C2 MRD MA . -5.32 -18.19 -19.76
O2 MRD MA . -4.73 -17.86 -18.47
CM MRD MA . -6.38 -19.26 -19.56
C3 MRD MA . -4.22 -18.71 -20.67
C1 MRD NA . -12.62 -23.65 -29.85
C2 MRD NA . -12.56 -22.16 -29.53
O2 MRD NA . -13.40 -21.44 -30.47
CM MRD NA . -13.07 -21.90 -28.11
C3 MRD NA . -11.13 -21.66 -29.68
C1 MRD OA . 0.30 -13.09 -17.50
C2 MRD OA . -0.63 -13.27 -18.70
O2 MRD OA . -0.81 -14.69 -18.92
CM MRD OA . -1.98 -12.65 -18.42
C3 MRD OA . -0.02 -12.66 -19.95
C4 MRD OA . 1.15 -13.47 -20.51
O4 MRD OA . 2.19 -13.57 -19.57
C5 MRD OA . 1.69 -12.83 -21.78
#